data_1UK1
#
_entry.id   1UK1
#
_cell.length_a   179.960
_cell.length_b   53.270
_cell.length_c   91.470
_cell.angle_alpha   90.00
_cell.angle_beta   113.80
_cell.angle_gamma   90.00
#
_symmetry.space_group_name_H-M   'C 1 2 1'
#
loop_
_entity.id
_entity.type
_entity.pdbx_description
1 polymer 'Poly [ADP-ribose] polymerase-1'
2 non-polymer 5-FLUORO-1-[4-(4-PHENYL-3,6-DIHYDROPYRIDIN-1(2H)-YL)BUTYL]QUINAZOLINE-2,4(1H,3H)-DIONE
3 water water
#
_entity_poly.entity_id   1
_entity_poly.type   'polypeptide(L)'
_entity_poly.pdbx_seq_one_letter_code
;KSKLPKPVQDLIKMIFDVESMKKAMVEYEIDLQKMPLGKLSKRQIQAAYSILSEVQQAVSQGSSDSQILDLSNRFYTLIP
HDFGMKKPPLLNNADSVQAKVEMLDNLLDIEVAYSLLRGGSDDSSKDPIDVNYEKLKTDIKVVDRDSEEAEIIRKYVKNT
HATTHNAYDLEVIDIFKIEREGECQRYKPFKQLHNRRLLWHGSRTTNFAGILSQGLRIAPPEAPVTGYMFGKGIYFADMV
SKSANYCHTSQGDPIGLILLGEVALGNMYELKHASHISKLPKGKHSVKGLGKTTPDPSANISLDGVDVPLGTGISSGVND
TSLLYNEYIVYDIAQVNLKYLLKLKFNFKT
;
_entity_poly.pdbx_strand_id   A,B
#
loop_
_chem_comp.id
_chem_comp.type
_chem_comp.name
_chem_comp.formula
FRQ non-polymer 5-FLUORO-1-[4-(4-PHENYL-3,6-DIHYDROPYRIDIN-1(2H)-YL)BUTYL]QUINAZOLINE-2,4(1H,3H)-DIONE 'C23 H24 F N3 O2'
#
# COMPACT_ATOMS: atom_id res chain seq x y z
N LYS A 1 16.12 -23.28 -11.64
CA LYS A 1 16.37 -22.59 -10.36
C LYS A 1 16.72 -23.58 -9.22
N SER A 2 17.12 -22.99 -8.09
CA SER A 2 17.32 -23.73 -6.86
C SER A 2 16.24 -24.70 -6.49
N LYS A 3 16.64 -25.98 -6.47
CA LYS A 3 16.04 -26.97 -5.54
C LYS A 3 15.64 -26.53 -4.12
N LEU A 4 16.19 -25.34 -3.76
CA LEU A 4 15.76 -24.62 -2.54
C LEU A 4 14.24 -24.56 -2.33
N PRO A 5 13.84 -25.12 -1.16
CA PRO A 5 12.44 -25.07 -0.76
C PRO A 5 11.81 -23.73 -1.04
N LYS A 6 10.57 -23.72 -1.57
CA LYS A 6 10.11 -22.36 -1.88
C LYS A 6 10.01 -21.29 -0.78
N PRO A 7 9.61 -21.60 0.48
CA PRO A 7 9.83 -20.63 1.56
C PRO A 7 11.24 -20.03 1.69
N VAL A 8 12.24 -20.88 1.45
CA VAL A 8 13.62 -20.38 1.42
C VAL A 8 13.93 -19.44 0.25
N GLN A 9 13.82 -19.93 -1.00
CA GLN A 9 13.89 -18.94 -2.09
C GLN A 9 13.19 -17.57 -1.93
N ASP A 10 11.91 -17.65 -1.54
CA ASP A 10 11.21 -16.39 -1.27
C ASP A 10 11.82 -15.56 -0.15
N LEU A 11 12.21 -16.28 0.91
CA LEU A 11 12.98 -15.57 1.92
C LEU A 11 14.36 -14.94 1.59
N ILE A 12 15.09 -15.64 0.74
CA ILE A 12 16.23 -14.99 0.08
C ILE A 12 15.82 -13.68 -0.62
N LYS A 13 14.89 -13.80 -1.59
CA LYS A 13 14.34 -12.58 -2.21
C LYS A 13 13.98 -11.38 -1.37
N MET A 14 13.32 -11.61 -0.25
CA MET A 14 12.97 -10.40 0.54
C MET A 14 14.07 -9.69 1.37
N ILE A 15 15.04 -10.55 1.78
CA ILE A 15 16.22 -9.96 2.42
C ILE A 15 17.34 -9.48 1.49
N PHE A 16 17.27 -9.90 0.22
CA PHE A 16 18.14 -9.22 -0.75
C PHE A 16 17.45 -8.20 -1.67
N ASP A 17 16.44 -7.57 -1.07
CA ASP A 17 15.63 -6.67 -1.87
C ASP A 17 16.04 -5.20 -1.88
N VAL A 18 16.97 -4.86 -2.78
CA VAL A 18 17.37 -3.44 -2.87
C VAL A 18 16.36 -2.28 -2.74
N GLU A 19 15.24 -2.29 -3.47
CA GLU A 19 14.19 -1.25 -3.24
C GLU A 19 13.94 -0.94 -1.76
N SER A 20 13.49 -2.00 -1.05
CA SER A 20 13.39 -2.09 0.43
C SER A 20 14.41 -1.33 1.27
N MET A 21 15.66 -1.57 0.84
CA MET A 21 16.81 -0.92 1.45
C MET A 21 16.81 0.61 1.43
N LYS A 22 16.62 1.12 0.21
CA LYS A 22 16.27 2.56 0.23
C LYS A 22 15.00 2.91 1.03
N LYS A 23 13.99 2.04 0.98
CA LYS A 23 12.81 2.34 1.81
C LYS A 23 13.11 2.77 3.23
N ALA A 24 13.75 1.82 3.92
CA ALA A 24 14.38 2.12 5.24
C ALA A 24 15.29 3.34 5.33
N MET A 25 16.22 3.45 4.34
CA MET A 25 17.02 4.70 4.35
C MET A 25 16.26 6.02 4.43
N VAL A 26 15.23 6.06 3.59
CA VAL A 26 14.25 7.14 3.61
C VAL A 26 13.49 7.29 4.93
N GLU A 27 13.21 6.17 5.57
CA GLU A 27 12.56 6.23 6.91
C GLU A 27 13.37 6.87 8.10
N TYR A 28 14.68 6.89 7.87
CA TYR A 28 15.45 7.71 8.82
C TYR A 28 15.38 9.23 8.62
N GLU A 29 15.75 9.54 7.38
CA GLU A 29 15.52 10.80 6.65
C GLU A 29 16.55 10.97 5.55
N ILE A 30 16.97 9.84 4.99
CA ILE A 30 18.10 10.03 4.11
C ILE A 30 17.79 10.70 2.78
N ASP A 31 18.74 11.52 2.31
CA ASP A 31 18.61 12.14 0.99
C ASP A 31 19.27 11.39 -0.16
N LEU A 32 18.48 10.50 -0.76
CA LEU A 32 19.17 9.55 -1.61
C LEU A 32 19.61 9.93 -3.03
N GLN A 33 18.93 10.93 -3.61
CA GLN A 33 19.57 11.71 -4.69
C GLN A 33 20.41 12.93 -4.30
N LYS A 34 20.79 12.94 -3.01
CA LYS A 34 22.21 13.16 -2.64
C LYS A 34 23.07 11.88 -2.49
N MET A 35 23.04 11.20 -1.28
CA MET A 35 23.79 9.90 -1.06
C MET A 35 23.13 8.49 -1.19
N PRO A 36 23.46 7.89 -2.35
CA PRO A 36 22.78 6.68 -2.84
C PRO A 36 23.32 5.30 -2.37
N LEU A 37 22.43 4.32 -2.41
CA LEU A 37 22.95 3.18 -1.67
C LEU A 37 24.00 2.26 -2.36
N GLY A 38 24.53 2.78 -3.48
CA GLY A 38 25.88 2.35 -3.89
C GLY A 38 27.09 3.01 -3.18
N LYS A 39 26.86 4.29 -2.84
CA LYS A 39 27.90 5.06 -2.14
C LYS A 39 28.12 4.81 -0.64
N LEU A 40 27.04 4.61 0.12
CA LEU A 40 27.17 4.21 1.54
C LEU A 40 28.43 3.53 1.97
N SER A 41 29.29 4.36 2.46
CA SER A 41 30.60 3.73 2.68
C SER A 41 30.79 3.25 4.08
N LYS A 42 31.40 2.08 4.24
CA LYS A 42 31.66 1.73 5.66
C LYS A 42 32.64 2.63 6.37
N ARG A 43 33.62 3.05 5.55
CA ARG A 43 34.31 4.37 5.65
C ARG A 43 33.47 5.56 6.26
N GLN A 44 32.56 6.18 5.45
CA GLN A 44 31.71 7.23 6.04
C GLN A 44 30.83 6.85 7.24
N ILE A 45 30.22 5.67 7.13
CA ILE A 45 29.45 5.13 8.27
C ILE A 45 30.23 5.13 9.59
N GLN A 46 31.46 4.56 9.57
CA GLN A 46 32.18 4.77 10.84
C GLN A 46 32.84 6.15 11.20
N ALA A 47 33.27 6.89 10.16
CA ALA A 47 33.56 8.31 10.46
C ALA A 47 32.44 9.13 11.10
N ALA A 48 31.21 8.84 10.71
CA ALA A 48 30.22 9.52 11.52
C ALA A 48 29.77 8.92 12.83
N TYR A 49 30.21 7.69 13.13
CA TYR A 49 29.90 7.19 14.48
C TYR A 49 30.69 7.92 15.62
N SER A 50 31.91 8.20 15.14
CA SER A 50 32.82 9.05 15.91
C SER A 50 32.32 10.45 16.11
N ILE A 51 31.83 11.08 15.04
CA ILE A 51 31.11 12.35 15.28
C ILE A 51 29.93 12.35 16.27
N LEU A 52 29.06 11.34 16.21
CA LEU A 52 28.16 11.13 17.36
C LEU A 52 28.81 11.03 18.77
N SER A 53 29.95 10.37 18.86
CA SER A 53 30.64 10.39 20.16
C SER A 53 31.25 11.69 20.59
N GLU A 54 31.99 12.35 19.70
CA GLU A 54 32.51 13.65 20.17
C GLU A 54 31.43 14.63 20.66
N VAL A 55 30.32 14.67 19.89
CA VAL A 55 29.13 15.32 20.44
C VAL A 55 28.57 14.83 21.80
N GLN A 56 29.02 13.67 22.21
CA GLN A 56 28.71 13.39 23.60
C GLN A 56 29.82 13.43 24.66
N GLN A 57 31.08 13.63 24.27
CA GLN A 57 31.87 14.25 25.34
C GLN A 57 31.33 15.60 25.61
N ALA A 58 31.36 16.41 24.52
CA ALA A 58 30.70 17.72 24.41
C ALA A 58 29.41 17.90 25.18
N VAL A 59 28.41 17.12 24.77
CA VAL A 59 27.19 17.47 25.48
C VAL A 59 27.10 17.00 26.90
N SER A 60 27.73 15.84 27.15
CA SER A 60 27.81 15.51 28.60
C SER A 60 28.83 16.17 29.52
N GLN A 61 29.81 16.89 28.93
CA GLN A 61 30.56 17.82 29.78
C GLN A 61 30.30 19.36 29.68
N GLY A 62 29.00 19.74 29.59
CA GLY A 62 28.66 21.16 29.25
C GLY A 62 29.00 21.75 27.86
N SER A 63 30.31 21.97 27.62
CA SER A 63 30.87 22.38 26.29
C SER A 63 30.64 23.76 25.64
N SER A 64 31.70 24.13 24.86
CA SER A 64 31.50 25.05 23.70
C SER A 64 30.22 24.85 22.93
N ASP A 65 29.24 25.62 23.37
CA ASP A 65 27.91 25.66 22.72
C ASP A 65 27.95 25.72 21.17
N SER A 66 28.71 26.69 20.73
CA SER A 66 28.90 26.67 19.28
C SER A 66 29.46 25.40 18.62
N GLN A 67 30.25 24.64 19.37
CA GLN A 67 30.83 23.47 18.70
C GLN A 67 29.91 22.30 18.57
N ILE A 68 29.22 21.99 19.67
CA ILE A 68 27.96 21.27 19.46
C ILE A 68 27.20 21.48 18.15
N LEU A 69 26.95 22.74 17.81
CA LEU A 69 26.45 22.80 16.44
C LEU A 69 27.40 22.60 15.24
N ASP A 70 28.68 22.90 15.47
CA ASP A 70 29.63 22.53 14.40
C ASP A 70 29.81 21.04 14.08
N LEU A 71 29.80 20.31 15.18
CA LEU A 71 29.71 18.84 15.26
C LEU A 71 28.46 18.29 14.66
N SER A 72 27.35 18.87 15.08
CA SER A 72 26.15 18.73 14.24
C SER A 72 26.19 18.97 12.70
N ASN A 73 26.69 20.11 12.23
CA ASN A 73 26.73 20.11 10.76
C ASN A 73 27.80 19.26 10.14
N ARG A 74 28.91 19.11 10.83
CA ARG A 74 29.81 18.00 10.47
C ARG A 74 29.13 16.66 10.17
N PHE A 75 28.27 16.26 11.13
CA PHE A 75 27.41 15.08 10.96
C PHE A 75 26.55 14.99 9.70
N TYR A 76 25.87 16.14 9.50
CA TYR A 76 25.01 16.39 8.33
C TYR A 76 25.71 16.57 7.00
N THR A 77 26.81 17.27 7.03
CA THR A 77 27.75 17.08 5.89
C THR A 77 28.03 15.61 5.47
N LEU A 78 28.16 14.81 6.53
CA LEU A 78 28.54 13.43 6.28
C LEU A 78 27.44 12.41 5.93
N ILE A 79 26.28 12.68 6.49
CA ILE A 79 25.09 11.92 6.10
C ILE A 79 24.01 12.86 5.68
N PRO A 80 23.95 13.04 4.36
CA PRO A 80 22.81 13.73 3.73
C PRO A 80 21.41 13.30 4.18
N HIS A 81 20.73 14.24 4.83
CA HIS A 81 19.28 14.12 5.07
C HIS A 81 18.29 14.96 4.19
N ASP A 82 17.28 14.26 3.61
CA ASP A 82 16.10 14.88 3.01
C ASP A 82 15.22 15.37 4.10
N PHE A 83 15.64 16.52 4.57
CA PHE A 83 15.12 17.04 5.85
C PHE A 83 13.68 17.54 6.04
N GLY A 84 13.00 18.09 5.03
CA GLY A 84 13.46 18.33 3.65
C GLY A 84 12.73 19.38 2.82
N MET A 85 11.84 20.15 3.49
CA MET A 85 12.33 20.93 4.65
C MET A 85 11.56 20.92 5.97
N LYS A 86 12.12 20.35 7.07
CA LYS A 86 11.78 21.05 8.35
C LYS A 86 12.95 21.79 9.10
N LYS A 87 12.90 21.89 10.43
CA LYS A 87 14.16 22.23 11.16
C LYS A 87 14.97 21.13 11.85
N PRO A 88 16.23 20.93 11.41
CA PRO A 88 16.96 19.69 11.78
C PRO A 88 17.42 19.58 13.23
N PRO A 89 17.40 18.35 13.77
CA PRO A 89 17.80 18.21 15.18
C PRO A 89 19.33 18.30 15.38
N LEU A 90 19.64 19.43 16.01
CA LEU A 90 21.02 19.84 16.25
C LEU A 90 21.46 19.22 17.57
N LEU A 91 22.60 18.45 17.47
CA LEU A 91 22.92 17.29 18.37
C LEU A 91 23.51 17.59 19.76
N ASN A 92 22.77 18.46 20.42
CA ASN A 92 22.96 18.78 21.81
C ASN A 92 22.16 17.86 22.67
N ASN A 93 21.61 16.85 22.05
CA ASN A 93 20.58 16.16 22.82
C ASN A 93 20.73 14.62 22.89
N ALA A 94 20.75 14.04 24.11
CA ALA A 94 20.84 12.54 24.09
C ALA A 94 19.78 11.79 23.29
N ASP A 95 18.57 12.40 23.33
CA ASP A 95 17.53 11.88 22.43
C ASP A 95 17.82 11.84 20.94
N SER A 96 17.98 13.01 20.31
CA SER A 96 18.23 12.75 18.88
C SER A 96 19.60 12.17 18.60
N VAL A 97 20.42 12.10 19.65
CA VAL A 97 21.67 11.44 19.37
C VAL A 97 21.55 9.95 19.13
N GLN A 98 20.77 9.29 20.00
CA GLN A 98 20.52 7.90 19.57
C GLN A 98 19.56 7.64 18.44
N ALA A 99 18.56 8.52 18.30
CA ALA A 99 17.82 8.56 17.04
C ALA A 99 18.68 8.38 15.80
N LYS A 100 19.77 9.13 15.84
CA LYS A 100 20.79 8.85 14.85
C LYS A 100 21.76 7.65 14.99
N VAL A 101 22.13 7.27 16.23
CA VAL A 101 22.87 5.99 16.38
C VAL A 101 22.12 4.70 16.03
N GLU A 102 20.77 4.76 16.04
CA GLU A 102 19.95 3.74 15.38
C GLU A 102 20.01 3.67 13.84
N MET A 103 19.85 4.84 13.24
CA MET A 103 20.07 4.96 11.80
C MET A 103 21.36 4.37 11.21
N LEU A 104 22.50 4.74 11.86
CA LEU A 104 23.84 4.21 11.52
C LEU A 104 24.02 2.72 11.71
N ASP A 105 23.23 2.18 12.65
CA ASP A 105 23.21 0.72 12.93
C ASP A 105 22.70 -0.12 11.79
N ASN A 106 21.63 0.47 11.28
CA ASN A 106 20.96 0.07 10.04
C ASN A 106 21.74 0.33 8.77
N LEU A 107 22.25 1.54 8.56
CA LEU A 107 23.24 1.63 7.47
C LEU A 107 24.42 0.68 7.46
N LEU A 108 24.96 0.43 8.67
CA LEU A 108 25.83 -0.75 8.74
C LEU A 108 25.26 -2.04 8.19
N ASP A 109 24.22 -2.56 8.80
CA ASP A 109 23.75 -3.80 8.20
C ASP A 109 23.23 -3.81 6.74
N ILE A 110 22.77 -2.62 6.33
CA ILE A 110 22.42 -2.32 4.94
C ILE A 110 23.58 -2.23 3.99
N GLU A 111 24.73 -1.74 4.50
CA GLU A 111 25.90 -1.80 3.63
C GLU A 111 26.41 -3.22 3.46
N VAL A 112 26.26 -3.96 4.55
CA VAL A 112 26.58 -5.39 4.40
C VAL A 112 25.66 -6.16 3.45
N ALA A 113 24.34 -5.86 3.56
CA ALA A 113 23.45 -6.30 2.47
C ALA A 113 23.83 -5.84 1.05
N TYR A 114 23.78 -4.51 0.81
CA TYR A 114 24.24 -3.97 -0.49
C TYR A 114 25.60 -4.33 -1.07
N SER A 115 26.64 -4.23 -0.24
CA SER A 115 27.90 -4.81 -0.72
C SER A 115 27.85 -6.29 -1.00
N LEU A 116 27.06 -7.01 -0.17
CA LEU A 116 26.87 -8.42 -0.52
C LEU A 116 26.31 -8.74 -1.92
N LEU A 117 25.19 -8.07 -2.29
CA LEU A 117 24.80 -8.29 -3.68
C LEU A 117 25.50 -7.49 -4.84
N ARG A 118 26.84 -7.57 -4.76
CA ARG A 118 27.71 -7.40 -5.93
C ARG A 118 28.93 -8.36 -6.05
N GLY A 119 29.06 -9.31 -5.11
CA GLY A 119 30.04 -10.37 -5.36
C GLY A 119 29.71 -11.27 -6.56
N GLY A 120 29.07 -12.40 -6.25
CA GLY A 120 29.12 -13.49 -7.25
C GLY A 120 28.21 -13.59 -8.51
N SER A 121 26.99 -13.06 -8.40
CA SER A 121 26.17 -13.49 -9.53
C SER A 121 26.23 -12.68 -10.82
N ASP A 122 27.12 -13.11 -11.68
CA ASP A 122 26.62 -12.81 -13.02
C ASP A 122 26.14 -14.10 -13.71
N ASP A 123 25.35 -14.81 -12.90
CA ASP A 123 24.99 -16.17 -13.29
C ASP A 123 23.54 -16.66 -12.98
N SER A 124 22.89 -17.43 -13.91
CA SER A 124 23.43 -18.39 -14.91
C SER A 124 23.96 -19.73 -14.35
N SER A 125 25.25 -20.09 -14.59
CA SER A 125 25.61 -21.51 -14.26
C SER A 125 25.82 -21.98 -12.81
N LYS A 126 25.58 -20.98 -11.91
CA LYS A 126 24.59 -21.16 -10.81
C LYS A 126 23.59 -19.97 -10.89
N ASP A 127 22.42 -20.07 -10.26
CA ASP A 127 21.41 -19.00 -10.52
C ASP A 127 21.16 -17.96 -9.38
N PRO A 128 20.21 -16.96 -9.50
CA PRO A 128 20.18 -15.84 -8.52
C PRO A 128 19.71 -15.99 -7.05
N ILE A 129 18.73 -16.87 -6.85
CA ILE A 129 18.47 -17.28 -5.46
C ILE A 129 19.65 -18.05 -4.82
N ASP A 130 20.01 -19.05 -5.64
CA ASP A 130 21.29 -19.69 -5.42
C ASP A 130 22.59 -18.98 -5.06
N VAL A 131 22.93 -17.92 -5.78
CA VAL A 131 24.13 -17.22 -5.31
C VAL A 131 24.02 -16.43 -3.97
N ASN A 132 22.94 -15.66 -3.87
CA ASN A 132 22.66 -15.01 -2.58
C ASN A 132 22.65 -15.93 -1.29
N TYR A 133 21.96 -17.06 -1.42
CA TYR A 133 21.94 -18.13 -0.40
C TYR A 133 23.28 -18.72 -0.07
N GLU A 134 24.16 -18.74 -1.09
CA GLU A 134 25.43 -19.29 -0.62
C GLU A 134 26.28 -18.30 0.14
N LYS A 135 26.23 -17.04 -0.37
CA LYS A 135 26.87 -15.91 0.32
C LYS A 135 26.30 -15.54 1.66
N LEU A 136 25.19 -16.20 1.99
CA LEU A 136 24.86 -16.15 3.40
C LEU A 136 25.75 -16.95 4.37
N LYS A 137 26.64 -17.80 3.84
CA LYS A 137 27.23 -18.87 4.66
C LYS A 137 26.47 -19.38 5.88
N THR A 138 25.27 -19.77 5.55
CA THR A 138 24.26 -20.28 6.48
C THR A 138 23.39 -21.31 5.77
N ASP A 139 22.89 -22.28 6.54
CA ASP A 139 21.93 -23.27 6.04
C ASP A 139 20.54 -23.25 6.69
N ILE A 140 19.52 -23.21 5.83
CA ILE A 140 18.23 -22.64 6.26
C ILE A 140 17.06 -23.61 6.22
N LYS A 141 17.07 -24.62 7.08
CA LYS A 141 16.12 -25.71 6.76
C LYS A 141 14.66 -25.33 6.94
N VAL A 142 13.76 -25.62 6.01
CA VAL A 142 12.35 -25.31 6.42
C VAL A 142 11.75 -26.19 7.55
N VAL A 143 11.56 -25.61 8.71
CA VAL A 143 10.88 -26.38 9.77
C VAL A 143 9.46 -26.77 9.47
N ASP A 144 9.26 -28.05 9.70
CA ASP A 144 8.04 -28.64 9.21
C ASP A 144 6.75 -28.46 10.02
N ARG A 145 6.35 -27.22 10.25
CA ARG A 145 4.93 -26.88 10.38
C ARG A 145 3.99 -27.68 11.33
N ASP A 146 3.42 -28.73 10.77
CA ASP A 146 2.46 -29.38 11.67
C ASP A 146 3.00 -30.17 12.89
N SER A 147 4.29 -30.52 12.78
CA SER A 147 5.20 -30.95 13.88
C SER A 147 5.35 -30.21 15.20
N GLU A 148 5.18 -30.90 16.34
CA GLU A 148 5.56 -30.37 17.69
C GLU A 148 6.58 -29.22 17.87
N GLU A 149 7.66 -29.26 17.09
CA GLU A 149 8.65 -28.19 17.22
C GLU A 149 8.27 -26.89 16.58
N ALA A 150 7.62 -26.94 15.39
CA ALA A 150 6.94 -25.67 15.05
C ALA A 150 5.87 -25.20 16.01
N GLU A 151 5.10 -26.13 16.53
CA GLU A 151 4.21 -25.65 17.61
C GLU A 151 4.77 -25.06 18.86
N ILE A 152 5.82 -25.65 19.46
CA ILE A 152 6.46 -24.81 20.53
C ILE A 152 6.79 -23.36 20.16
N ILE A 153 7.39 -23.16 18.97
CA ILE A 153 7.61 -21.79 18.47
C ILE A 153 6.45 -20.84 18.59
N ARG A 154 5.32 -21.33 18.02
CA ARG A 154 4.07 -20.56 17.88
C ARG A 154 3.33 -20.29 19.19
N LYS A 155 3.35 -21.30 20.05
CA LYS A 155 3.17 -21.11 21.50
C LYS A 155 4.01 -20.04 22.23
N TYR A 156 5.33 -20.01 21.94
CA TYR A 156 6.15 -18.85 22.28
C TYR A 156 5.64 -17.47 21.79
N VAL A 157 5.53 -17.33 20.47
CA VAL A 157 4.90 -16.14 19.87
C VAL A 157 3.56 -15.70 20.49
N LYS A 158 2.76 -16.76 20.71
CA LYS A 158 1.47 -16.54 21.33
C LYS A 158 1.56 -15.91 22.72
N ASN A 159 2.08 -16.75 23.66
CA ASN A 159 2.06 -16.37 25.08
C ASN A 159 2.77 -15.08 25.43
N THR A 160 3.72 -14.80 24.55
CA THR A 160 4.51 -13.61 24.80
C THR A 160 4.18 -12.38 23.99
N HIS A 161 3.13 -12.50 23.16
CA HIS A 161 2.51 -11.27 22.64
C HIS A 161 1.84 -10.33 23.66
N ALA A 162 2.47 -9.17 23.75
CA ALA A 162 2.18 -8.37 24.94
C ALA A 162 0.82 -7.67 25.14
N THR A 163 0.29 -7.99 26.32
CA THR A 163 -0.44 -7.12 27.29
C THR A 163 -0.67 -5.61 27.07
N THR A 164 0.14 -5.03 26.20
CA THR A 164 -0.06 -3.66 25.77
C THR A 164 -0.06 -3.49 24.24
N HIS A 165 1.08 -3.84 23.60
CA HIS A 165 0.99 -3.81 22.13
C HIS A 165 0.31 -4.92 21.32
N ASN A 166 -0.82 -5.41 21.91
CA ASN A 166 -1.92 -6.12 21.20
C ASN A 166 -2.88 -5.24 20.36
N ALA A 167 -2.19 -4.55 19.41
CA ALA A 167 -2.73 -3.92 18.20
C ALA A 167 -1.61 -3.42 17.29
N TYR A 168 -1.18 -4.11 16.21
CA TYR A 168 -1.27 -5.43 15.56
C TYR A 168 -1.40 -6.77 16.31
N ASP A 169 -1.95 -7.77 15.58
CA ASP A 169 -1.77 -9.16 16.06
C ASP A 169 -0.84 -9.97 15.21
N LEU A 170 -0.26 -10.98 15.82
CA LEU A 170 0.80 -11.71 15.08
C LEU A 170 0.39 -13.02 14.41
N GLU A 171 1.21 -13.39 13.42
CA GLU A 171 1.02 -14.75 12.88
C GLU A 171 2.10 -15.46 12.07
N VAL A 172 2.38 -16.67 12.50
CA VAL A 172 3.55 -17.30 11.84
C VAL A 172 3.40 -17.97 10.44
N ILE A 173 4.30 -17.58 9.55
CA ILE A 173 4.18 -18.02 8.17
C ILE A 173 5.13 -19.11 7.76
N ASP A 174 6.35 -18.95 8.22
CA ASP A 174 7.45 -19.92 8.02
C ASP A 174 8.39 -20.01 9.22
N ILE A 175 8.72 -21.26 9.59
CA ILE A 175 9.73 -21.44 10.63
C ILE A 175 11.09 -21.97 10.13
N PHE A 176 12.05 -21.08 9.92
CA PHE A 176 13.32 -21.59 9.38
C PHE A 176 14.27 -22.03 10.46
N LYS A 177 14.79 -23.26 10.37
CA LYS A 177 15.96 -23.47 11.23
C LYS A 177 17.24 -23.04 10.58
N ILE A 178 18.17 -22.63 11.47
CA ILE A 178 19.47 -22.05 11.03
C ILE A 178 20.79 -22.52 11.60
N GLU A 179 21.65 -22.75 10.63
CA GLU A 179 23.05 -22.95 11.02
C GLU A 179 23.94 -22.03 10.25
N ARG A 180 24.57 -21.06 10.92
CA ARG A 180 25.71 -20.44 10.21
C ARG A 180 27.01 -21.23 10.30
N GLU A 181 27.85 -21.21 9.27
CA GLU A 181 29.07 -22.02 9.46
C GLU A 181 29.98 -21.65 10.66
N GLY A 182 30.52 -22.64 11.37
CA GLY A 182 31.44 -22.15 12.41
C GLY A 182 30.89 -21.60 13.75
N GLU A 183 29.70 -20.97 13.70
CA GLU A 183 29.25 -20.59 15.05
C GLU A 183 28.70 -21.67 15.99
N CYS A 184 28.58 -22.90 15.53
CA CYS A 184 28.54 -23.90 16.63
C CYS A 184 29.79 -23.93 17.53
N GLN A 185 30.91 -23.94 16.76
CA GLN A 185 32.31 -23.94 17.25
C GLN A 185 32.72 -22.77 18.16
N ARG A 186 32.69 -21.53 17.60
CA ARG A 186 32.91 -20.37 18.49
C ARG A 186 32.09 -20.21 19.80
N TYR A 187 30.93 -20.88 19.80
CA TYR A 187 29.97 -20.91 20.90
C TYR A 187 30.26 -21.97 21.92
N LYS A 188 30.92 -23.01 21.40
CA LYS A 188 31.41 -24.06 22.30
C LYS A 188 31.92 -23.67 23.71
N PRO A 189 32.79 -22.65 23.83
CA PRO A 189 33.04 -22.13 25.17
C PRO A 189 31.82 -21.99 26.07
N PHE A 190 30.83 -21.30 25.50
CA PHE A 190 29.62 -20.99 26.26
C PHE A 190 28.54 -22.03 26.34
N LYS A 191 28.71 -23.02 25.43
CA LYS A 191 28.03 -24.33 25.53
C LYS A 191 27.70 -24.91 26.88
N GLN A 192 28.68 -25.09 27.72
CA GLN A 192 28.16 -25.26 29.08
C GLN A 192 28.51 -24.04 29.94
N LEU A 193 27.64 -23.07 29.74
CA LEU A 193 27.64 -22.00 30.72
C LEU A 193 26.41 -22.23 31.55
N HIS A 194 26.41 -21.80 32.80
CA HIS A 194 25.08 -21.94 33.39
C HIS A 194 24.06 -20.92 32.90
N ASN A 195 22.80 -21.26 32.99
CA ASN A 195 21.81 -20.24 32.70
C ASN A 195 21.79 -19.72 31.26
N ARG A 196 20.95 -20.45 30.52
CA ARG A 196 21.10 -20.37 29.07
C ARG A 196 19.77 -20.44 28.36
N ARG A 197 19.55 -19.56 27.39
CA ARG A 197 18.13 -19.32 27.02
C ARG A 197 17.77 -19.19 25.57
N LEU A 198 16.53 -19.56 25.30
CA LEU A 198 15.98 -19.05 24.03
C LEU A 198 15.31 -17.71 24.13
N LEU A 199 15.94 -16.71 23.52
CA LEU A 199 15.30 -15.41 23.46
C LEU A 199 15.17 -14.75 22.07
N TRP A 200 14.32 -13.74 22.04
CA TRP A 200 14.01 -13.05 20.77
C TRP A 200 14.92 -11.92 20.27
N HIS A 201 15.11 -11.93 18.96
CA HIS A 201 15.73 -10.80 18.27
C HIS A 201 15.00 -10.31 17.00
N GLY A 202 14.22 -9.27 17.21
CA GLY A 202 13.78 -8.60 15.99
C GLY A 202 14.74 -7.57 15.44
N SER A 203 14.82 -7.56 14.13
CA SER A 203 15.52 -6.51 13.39
C SER A 203 14.75 -6.14 12.11
N ARG A 204 14.98 -4.96 11.55
CA ARG A 204 14.48 -4.80 10.17
C ARG A 204 14.81 -5.94 9.20
N THR A 205 14.05 -6.12 8.12
CA THR A 205 14.45 -7.25 7.25
C THR A 205 15.85 -7.10 6.63
N THR A 206 16.02 -5.86 6.18
CA THR A 206 17.22 -5.34 5.47
C THR A 206 18.62 -5.48 6.13
N ASN A 207 18.56 -5.82 7.44
CA ASN A 207 19.64 -6.32 8.30
C ASN A 207 20.08 -7.81 8.28
N PHE A 208 19.11 -8.68 7.90
CA PHE A 208 19.38 -10.13 7.99
C PHE A 208 20.23 -10.71 6.92
N ALA A 209 20.29 -10.07 5.76
CA ALA A 209 21.49 -10.39 4.97
C ALA A 209 22.87 -10.33 5.69
N GLY A 210 22.98 -9.40 6.66
CA GLY A 210 24.18 -9.25 7.51
C GLY A 210 24.26 -10.05 8.83
N ILE A 211 23.13 -10.19 9.50
CA ILE A 211 22.95 -11.18 10.57
C ILE A 211 23.18 -12.65 10.23
N LEU A 212 22.97 -12.96 8.96
CA LEU A 212 23.27 -14.34 8.60
C LEU A 212 24.74 -14.63 8.24
N SER A 213 25.32 -13.73 7.42
CA SER A 213 26.79 -13.74 7.25
C SER A 213 27.75 -13.26 8.37
N GLN A 214 27.23 -12.54 9.35
CA GLN A 214 28.10 -12.21 10.49
C GLN A 214 27.60 -12.50 11.90
N GLY A 215 26.39 -13.06 11.95
CA GLY A 215 25.73 -13.13 13.26
C GLY A 215 25.37 -11.78 13.84
N LEU A 216 24.70 -11.83 14.98
CA LEU A 216 24.60 -10.53 15.65
C LEU A 216 25.96 -9.95 16.03
N ARG A 217 26.10 -8.63 16.09
CA ARG A 217 27.46 -8.15 16.42
C ARG A 217 27.56 -7.15 17.56
N ILE A 218 28.71 -7.07 18.21
CA ILE A 218 28.73 -5.81 18.98
C ILE A 218 29.00 -4.55 18.15
N ALA A 219 28.36 -3.47 18.60
CA ALA A 219 28.58 -2.12 18.02
C ALA A 219 30.02 -1.64 17.68
N PRO A 220 30.14 -0.86 16.60
CA PRO A 220 31.47 -0.39 16.11
C PRO A 220 32.48 0.07 17.14
N PRO A 221 33.75 0.17 16.74
CA PRO A 221 34.72 0.60 17.76
C PRO A 221 34.78 2.11 17.90
N GLU A 222 33.62 2.72 17.94
CA GLU A 222 33.51 4.16 17.61
C GLU A 222 32.12 4.67 17.93
N ALA A 223 31.19 3.71 17.86
CA ALA A 223 29.81 3.88 18.32
C ALA A 223 29.65 4.35 19.74
N PRO A 224 28.90 5.45 20.00
CA PRO A 224 28.67 5.88 21.38
C PRO A 224 28.21 4.76 22.32
N VAL A 225 29.06 4.53 23.30
CA VAL A 225 28.52 3.85 24.49
C VAL A 225 27.22 4.41 25.04
N THR A 226 27.18 5.71 24.81
CA THR A 226 25.94 6.38 25.20
C THR A 226 24.73 6.30 24.27
N GLY A 227 24.95 5.66 23.14
CA GLY A 227 23.79 5.46 22.26
C GLY A 227 22.85 4.29 22.54
N TYR A 228 23.26 3.47 23.48
CA TYR A 228 22.48 2.26 23.67
C TYR A 228 22.09 2.12 25.14
N MET A 229 20.84 1.79 25.43
CA MET A 229 20.46 1.74 26.85
C MET A 229 21.40 1.10 27.83
N PHE A 230 21.91 0.00 27.34
CA PHE A 230 22.88 -0.78 28.11
C PHE A 230 24.21 -0.95 27.40
N GLY A 231 24.68 0.17 26.87
CA GLY A 231 25.96 0.13 26.19
C GLY A 231 26.11 -1.01 25.17
N LYS A 232 27.34 -1.48 25.08
CA LYS A 232 27.69 -2.10 23.80
C LYS A 232 27.69 -3.63 23.65
N GLY A 233 26.61 -4.18 24.17
CA GLY A 233 26.34 -5.56 23.81
C GLY A 233 25.46 -5.91 22.60
N ILE A 234 24.81 -7.05 22.79
CA ILE A 234 23.81 -7.58 21.86
C ILE A 234 22.48 -7.88 22.54
N TYR A 235 21.40 -7.42 21.88
CA TYR A 235 20.13 -7.29 22.61
C TYR A 235 19.03 -8.28 22.34
N PHE A 236 18.41 -8.75 23.43
CA PHE A 236 17.44 -9.86 23.40
C PHE A 236 16.19 -9.64 24.24
N ALA A 237 15.02 -9.87 23.65
CA ALA A 237 13.88 -10.03 24.58
C ALA A 237 13.31 -11.44 24.82
N ASP A 238 12.76 -11.62 26.02
CA ASP A 238 11.82 -12.72 26.17
C ASP A 238 10.41 -12.51 25.68
N MET A 239 9.97 -11.28 25.74
CA MET A 239 8.65 -11.04 25.16
C MET A 239 8.65 -10.91 23.64
N VAL A 240 8.01 -11.83 22.87
CA VAL A 240 8.06 -11.70 21.37
C VAL A 240 7.93 -10.31 20.69
N SER A 241 6.92 -9.61 21.20
CA SER A 241 6.64 -8.26 20.77
C SER A 241 7.62 -7.10 21.06
N LYS A 242 8.27 -7.07 22.29
CA LYS A 242 9.40 -6.11 22.49
C LYS A 242 10.46 -6.18 21.38
N SER A 243 10.56 -7.38 20.83
CA SER A 243 11.48 -7.45 19.69
C SER A 243 10.84 -7.22 18.35
N ALA A 244 9.61 -7.77 18.28
CA ALA A 244 8.85 -7.66 17.04
C ALA A 244 8.50 -6.25 16.53
N ASN A 245 8.36 -5.23 17.45
CA ASN A 245 8.27 -3.85 16.91
C ASN A 245 9.53 -3.29 16.20
N TYR A 246 10.70 -3.75 16.66
CA TYR A 246 11.99 -3.52 15.94
C TYR A 246 12.16 -3.94 14.50
N CYS A 247 11.20 -4.69 13.97
CA CYS A 247 11.39 -4.84 12.52
C CYS A 247 10.90 -3.73 11.61
N HIS A 248 9.97 -2.91 12.17
CA HIS A 248 9.47 -1.69 11.49
C HIS A 248 8.51 -1.96 10.31
N THR A 249 7.62 -2.86 10.70
CA THR A 249 6.51 -3.31 9.89
C THR A 249 5.35 -2.39 9.95
N SER A 250 5.22 -1.64 8.86
CA SER A 250 3.91 -1.01 8.61
C SER A 250 2.87 -1.77 7.80
N GLN A 251 1.65 -1.25 7.92
CA GLN A 251 0.61 -1.44 6.85
C GLN A 251 1.04 -1.53 5.36
N GLY A 252 2.09 -0.73 5.01
CA GLY A 252 2.82 -0.94 3.76
C GLY A 252 4.20 -1.64 3.74
N ASP A 253 4.29 -2.63 4.63
CA ASP A 253 5.17 -3.82 4.56
C ASP A 253 5.18 -4.60 5.85
N PRO A 254 4.05 -5.32 6.03
CA PRO A 254 3.78 -6.03 7.30
C PRO A 254 4.32 -7.44 7.36
N ILE A 255 5.43 -7.63 6.66
CA ILE A 255 6.13 -8.88 6.92
C ILE A 255 7.52 -8.70 7.62
N GLY A 256 7.65 -9.40 8.77
CA GLY A 256 8.85 -9.26 9.63
C GLY A 256 9.72 -10.50 9.88
N LEU A 257 11.03 -10.30 9.80
CA LEU A 257 11.86 -11.42 10.25
C LEU A 257 12.36 -11.38 11.71
N ILE A 258 11.85 -12.27 12.54
CA ILE A 258 12.42 -12.43 13.89
C ILE A 258 13.38 -13.63 14.20
N LEU A 259 14.51 -13.35 14.82
CA LEU A 259 15.33 -14.48 15.30
C LEU A 259 14.98 -15.05 16.65
N LEU A 260 15.17 -16.35 16.76
CA LEU A 260 15.43 -16.99 18.06
C LEU A 260 16.90 -17.34 18.31
N GLY A 261 17.46 -16.74 19.36
CA GLY A 261 18.82 -17.14 19.70
C GLY A 261 18.97 -17.86 21.02
N GLU A 262 19.82 -18.90 21.01
CA GLU A 262 20.37 -19.44 22.28
C GLU A 262 21.47 -18.52 22.89
N VAL A 263 21.23 -18.14 24.15
CA VAL A 263 22.15 -17.17 24.74
C VAL A 263 22.57 -17.54 26.15
N ALA A 264 23.90 -17.51 26.23
CA ALA A 264 24.67 -17.83 27.43
C ALA A 264 24.76 -16.68 28.42
N LEU A 265 23.78 -16.73 29.29
CA LEU A 265 23.59 -15.62 30.21
C LEU A 265 24.45 -15.61 31.47
N GLY A 266 24.55 -16.80 32.05
CA GLY A 266 25.15 -16.86 33.38
C GLY A 266 24.55 -16.03 34.50
N ASN A 267 25.41 -15.16 35.02
CA ASN A 267 24.90 -14.43 36.19
C ASN A 267 24.57 -13.04 35.76
N MET A 268 23.34 -12.69 36.09
CA MET A 268 22.78 -11.56 35.35
C MET A 268 22.93 -10.25 36.11
N TYR A 269 23.60 -9.33 35.46
CA TYR A 269 23.57 -8.07 36.18
C TYR A 269 22.19 -7.46 36.15
N GLU A 270 21.56 -7.51 37.31
CA GLU A 270 20.25 -6.87 37.36
C GLU A 270 20.14 -5.36 37.52
N LEU A 271 19.34 -4.83 36.59
CA LEU A 271 19.34 -3.40 36.33
C LEU A 271 18.00 -2.77 35.87
N LYS A 272 17.46 -1.80 36.61
CA LYS A 272 16.21 -1.18 36.11
C LYS A 272 16.24 0.09 35.18
N HIS A 273 17.35 0.84 35.33
CA HIS A 273 17.55 2.00 34.47
C HIS A 273 18.84 1.90 33.68
N ALA A 274 19.12 2.89 32.83
CA ALA A 274 20.23 2.73 31.88
C ALA A 274 21.63 3.00 32.38
N SER A 275 22.46 2.30 31.63
CA SER A 275 23.75 1.82 32.18
C SER A 275 24.74 1.64 31.11
N HIS A 276 25.49 2.70 30.93
CA HIS A 276 26.25 2.73 29.70
C HIS A 276 27.55 1.97 29.77
N ILE A 277 27.35 0.67 29.81
CA ILE A 277 28.52 -0.15 29.91
C ILE A 277 28.97 -0.76 28.64
N SER A 278 30.19 -0.34 28.48
CA SER A 278 31.29 -1.14 27.95
C SER A 278 31.47 -2.46 28.69
N LYS A 279 31.45 -2.29 30.04
CA LYS A 279 32.15 -3.28 30.89
C LYS A 279 31.35 -4.04 31.93
N LEU A 280 31.46 -5.35 31.73
CA LEU A 280 30.73 -6.17 32.68
C LEU A 280 31.62 -6.69 33.82
N PRO A 281 31.16 -6.43 35.07
CA PRO A 281 32.11 -6.55 36.18
C PRO A 281 32.41 -8.03 36.46
N LYS A 282 33.43 -8.27 37.31
CA LYS A 282 33.75 -9.69 37.46
C LYS A 282 32.59 -10.53 38.08
N GLY A 283 32.47 -11.78 37.60
CA GLY A 283 31.35 -12.53 38.21
C GLY A 283 29.99 -12.48 37.52
N LYS A 284 29.94 -11.56 36.52
CA LYS A 284 28.79 -11.25 35.67
C LYS A 284 28.93 -11.46 34.17
N HIS A 285 28.03 -12.30 33.64
CA HIS A 285 28.21 -12.73 32.24
C HIS A 285 27.26 -12.05 31.21
N SER A 286 26.22 -11.49 31.78
CA SER A 286 25.14 -10.83 31.04
C SER A 286 24.56 -9.62 31.79
N VAL A 287 23.78 -8.78 31.08
CA VAL A 287 22.85 -7.94 31.84
C VAL A 287 21.41 -8.37 31.65
N LYS A 288 20.65 -8.22 32.73
CA LYS A 288 19.18 -8.18 32.65
C LYS A 288 18.43 -6.85 33.01
N GLY A 289 18.01 -6.15 31.96
CA GLY A 289 17.02 -5.13 32.32
C GLY A 289 15.68 -5.65 32.88
N LEU A 290 15.35 -5.15 34.06
CA LEU A 290 14.10 -5.58 34.70
C LEU A 290 12.76 -4.94 34.32
N GLY A 291 11.92 -5.83 33.80
CA GLY A 291 10.60 -5.39 33.39
C GLY A 291 9.50 -5.63 34.42
N LYS A 292 8.41 -4.90 34.20
CA LYS A 292 7.20 -5.25 34.95
C LYS A 292 6.28 -6.37 34.43
N THR A 293 6.53 -6.72 33.19
CA THR A 293 6.05 -8.02 32.69
C THR A 293 7.13 -9.11 32.40
N THR A 294 7.12 -10.09 33.30
CA THR A 294 7.75 -11.37 32.88
C THR A 294 6.83 -12.44 32.29
N PRO A 295 7.36 -13.21 31.32
CA PRO A 295 6.72 -14.48 31.04
C PRO A 295 6.59 -15.40 32.25
N ASP A 296 5.45 -16.05 32.29
CA ASP A 296 5.09 -16.89 33.43
C ASP A 296 6.01 -18.02 33.85
N PRO A 297 6.76 -17.82 34.95
CA PRO A 297 7.60 -18.94 35.44
C PRO A 297 6.94 -20.31 35.62
N SER A 298 5.63 -20.30 35.84
CA SER A 298 4.83 -21.53 35.88
C SER A 298 4.84 -22.45 34.64
N ALA A 299 5.59 -22.00 33.63
CA ALA A 299 5.53 -22.56 32.26
C ALA A 299 6.88 -22.74 31.62
N ASN A 300 7.90 -22.99 32.43
CA ASN A 300 9.17 -22.70 31.75
C ASN A 300 9.97 -23.91 31.19
N ILE A 301 9.41 -24.45 30.10
CA ILE A 301 10.10 -25.49 29.31
C ILE A 301 11.62 -25.46 29.41
N SER A 302 12.24 -26.63 29.61
CA SER A 302 13.69 -26.53 29.35
C SER A 302 14.22 -27.58 28.44
N LEU A 303 14.21 -27.25 27.16
CA LEU A 303 14.79 -28.37 26.45
C LEU A 303 16.26 -28.20 26.17
N ASP A 304 16.97 -29.31 25.93
CA ASP A 304 18.43 -29.24 25.89
C ASP A 304 19.18 -28.28 26.81
N GLY A 305 18.81 -28.28 28.10
CA GLY A 305 19.63 -27.47 29.00
C GLY A 305 19.57 -25.95 28.87
N VAL A 306 18.75 -25.54 27.87
CA VAL A 306 18.28 -24.19 27.62
C VAL A 306 16.86 -23.97 28.11
N ASP A 307 16.67 -22.86 28.74
CA ASP A 307 15.31 -22.56 29.13
C ASP A 307 14.50 -21.82 28.06
N VAL A 308 13.21 -22.04 28.08
CA VAL A 308 12.38 -21.42 27.04
C VAL A 308 11.08 -20.86 27.59
N PRO A 309 11.05 -19.51 27.67
CA PRO A 309 10.07 -18.92 28.55
C PRO A 309 8.80 -18.55 27.81
N LEU A 310 8.13 -19.62 27.39
CA LEU A 310 6.87 -19.38 26.68
C LEU A 310 5.63 -19.17 27.53
N GLY A 311 5.74 -18.10 28.30
CA GLY A 311 4.78 -17.98 29.38
C GLY A 311 3.98 -16.73 29.29
N THR A 312 2.70 -16.86 29.57
CA THR A 312 1.95 -15.61 29.34
C THR A 312 2.39 -14.41 30.16
N GLY A 313 2.27 -13.26 29.52
CA GLY A 313 2.72 -12.04 30.23
C GLY A 313 2.16 -11.71 31.61
N ILE A 314 2.95 -12.19 32.59
CA ILE A 314 2.71 -11.97 34.03
C ILE A 314 3.40 -10.78 34.64
N SER A 315 2.63 -10.05 35.44
CA SER A 315 3.39 -9.12 36.31
C SER A 315 4.51 -9.72 37.13
N SER A 316 5.74 -9.36 36.73
CA SER A 316 6.74 -9.31 37.78
C SER A 316 6.30 -8.39 38.90
N GLY A 317 7.05 -8.35 39.99
CA GLY A 317 6.69 -7.28 40.94
C GLY A 317 7.33 -5.90 40.68
N VAL A 318 8.10 -5.85 39.61
CA VAL A 318 8.92 -4.64 39.49
C VAL A 318 8.26 -3.41 38.82
N ASN A 319 7.70 -2.56 39.72
CA ASN A 319 7.27 -1.21 39.30
C ASN A 319 8.29 -0.06 39.17
N ASP A 320 9.18 0.04 40.15
CA ASP A 320 10.42 0.84 40.13
C ASP A 320 11.38 1.00 38.88
N THR A 321 10.89 1.04 37.64
CA THR A 321 11.83 0.74 36.56
C THR A 321 11.58 1.54 35.28
N SER A 322 12.58 1.57 34.39
CA SER A 322 12.30 2.16 33.06
C SER A 322 11.91 1.16 31.97
N LEU A 323 11.81 -0.09 32.36
CA LEU A 323 11.45 -1.09 31.36
C LEU A 323 10.13 -1.78 31.63
N LEU A 324 9.38 -2.01 30.55
CA LEU A 324 8.13 -2.74 30.84
C LEU A 324 8.28 -4.23 30.68
N TYR A 325 9.10 -4.59 29.68
CA TYR A 325 9.50 -6.00 29.53
C TYR A 325 10.99 -6.26 29.89
N ASN A 326 11.31 -7.52 30.23
CA ASN A 326 12.76 -7.77 30.37
C ASN A 326 13.59 -7.54 29.12
N GLU A 327 14.84 -7.19 29.36
CA GLU A 327 15.81 -7.49 28.29
C GLU A 327 17.10 -8.09 28.77
N TYR A 328 17.72 -8.78 27.83
CA TYR A 328 19.01 -9.44 28.08
C TYR A 328 20.10 -8.93 27.16
N ILE A 329 21.29 -8.82 27.73
CA ILE A 329 22.34 -8.28 26.88
C ILE A 329 23.63 -9.03 27.16
N VAL A 330 24.38 -9.39 26.10
CA VAL A 330 25.69 -10.05 26.30
C VAL A 330 26.85 -9.36 25.61
N TYR A 331 28.00 -9.39 26.30
CA TYR A 331 29.09 -8.55 25.77
C TYR A 331 30.19 -9.24 24.92
N ASP A 332 30.01 -10.56 24.74
CA ASP A 332 30.87 -11.29 23.81
C ASP A 332 30.13 -11.93 22.62
N ILE A 333 30.65 -11.72 21.43
CA ILE A 333 29.83 -12.25 20.34
C ILE A 333 29.53 -13.73 20.32
N ALA A 334 30.48 -14.45 20.88
CA ALA A 334 30.32 -15.91 20.94
C ALA A 334 29.35 -16.44 22.00
N GLN A 335 28.76 -15.48 22.70
CA GLN A 335 27.92 -15.87 23.81
C GLN A 335 26.46 -16.11 23.45
N VAL A 336 26.32 -16.25 22.14
CA VAL A 336 25.01 -16.40 21.54
C VAL A 336 25.10 -17.26 20.30
N ASN A 337 24.23 -18.24 20.24
CA ASN A 337 24.12 -18.71 18.87
C ASN A 337 22.72 -18.82 18.26
N LEU A 338 22.65 -18.35 17.01
CA LEU A 338 21.35 -18.38 16.38
C LEU A 338 20.73 -19.74 16.05
N LYS A 339 19.51 -19.93 16.55
CA LYS A 339 18.74 -21.17 16.33
C LYS A 339 17.62 -21.17 15.26
N TYR A 340 16.69 -20.27 15.50
CA TYR A 340 15.61 -20.13 14.50
C TYR A 340 15.50 -18.76 13.87
N LEU A 341 15.02 -18.77 12.64
CA LEU A 341 14.39 -17.58 12.05
C LEU A 341 12.87 -17.73 11.88
N LEU A 342 12.18 -16.61 12.09
CA LEU A 342 10.77 -16.62 11.71
C LEU A 342 10.33 -15.60 10.70
N LYS A 343 9.65 -16.11 9.67
CA LYS A 343 8.86 -15.19 8.82
C LYS A 343 7.43 -14.90 9.34
N LEU A 344 7.22 -13.63 9.54
CA LEU A 344 6.05 -13.26 10.34
C LEU A 344 5.09 -12.28 9.66
N LYS A 345 3.83 -12.65 9.61
CA LYS A 345 2.94 -11.53 9.28
C LYS A 345 2.47 -10.82 10.50
N PHE A 346 2.89 -9.59 10.45
CA PHE A 346 2.24 -8.53 11.20
C PHE A 346 0.88 -8.13 10.60
N ASN A 347 -0.15 -8.68 11.25
CA ASN A 347 -1.55 -8.44 10.82
C ASN A 347 -2.19 -7.31 11.61
N PHE A 348 -2.26 -6.18 10.93
CA PHE A 348 -2.48 -4.98 11.68
C PHE A 348 -3.75 -4.80 12.48
N LYS A 349 -4.25 -3.57 12.61
CA LYS A 349 -5.53 -3.54 13.32
C LYS A 349 -6.52 -2.45 12.91
N THR A 350 -7.78 -2.69 13.34
CA THR A 350 -9.02 -1.88 13.28
C THR A 350 -9.73 -1.71 14.67
N LYS B 1 -45.58 -10.59 -7.88
CA LYS B 1 -44.16 -10.55 -8.32
C LYS B 1 -43.65 -9.27 -8.98
N SER B 2 -43.81 -9.19 -10.33
CA SER B 2 -43.33 -8.07 -11.16
C SER B 2 -44.02 -7.94 -12.54
N LYS B 3 -44.12 -6.68 -12.95
CA LYS B 3 -44.38 -6.31 -14.33
C LYS B 3 -43.33 -5.39 -14.99
N LEU B 4 -42.09 -5.84 -14.95
CA LEU B 4 -41.10 -5.27 -15.90
C LEU B 4 -40.73 -6.35 -16.88
N PRO B 5 -40.64 -6.03 -18.14
CA PRO B 5 -40.30 -7.19 -19.00
C PRO B 5 -38.90 -7.85 -18.80
N LYS B 6 -38.81 -9.10 -19.30
CA LYS B 6 -37.50 -9.75 -19.50
C LYS B 6 -36.31 -8.82 -19.64
N PRO B 7 -36.38 -7.79 -20.55
CA PRO B 7 -35.26 -6.84 -20.61
C PRO B 7 -34.93 -5.97 -19.38
N VAL B 8 -35.95 -5.48 -18.65
CA VAL B 8 -35.56 -4.61 -17.54
C VAL B 8 -35.17 -5.23 -16.19
N GLN B 9 -35.97 -6.16 -15.61
CA GLN B 9 -35.36 -7.03 -14.54
C GLN B 9 -34.04 -7.75 -14.77
N ASP B 10 -33.89 -8.45 -15.91
CA ASP B 10 -32.49 -8.84 -16.22
C ASP B 10 -31.46 -7.71 -16.35
N LEU B 11 -31.84 -6.48 -15.96
CA LEU B 11 -30.85 -5.53 -15.42
C LEU B 11 -31.12 -4.76 -14.08
N ILE B 12 -32.37 -4.40 -13.72
CA ILE B 12 -32.68 -3.99 -12.31
C ILE B 12 -31.95 -4.81 -11.26
N LYS B 13 -32.13 -6.12 -11.40
CA LYS B 13 -31.21 -6.83 -10.53
C LYS B 13 -29.82 -6.98 -11.08
N MET B 14 -29.71 -7.35 -12.35
CA MET B 14 -28.31 -7.38 -12.81
C MET B 14 -27.29 -6.20 -12.47
N ILE B 15 -27.62 -4.90 -12.72
CA ILE B 15 -26.82 -3.87 -12.03
C ILE B 15 -26.50 -4.03 -10.55
N PHE B 16 -27.48 -4.49 -9.82
CA PHE B 16 -27.09 -4.74 -8.45
C PHE B 16 -26.19 -6.01 -8.09
N ASP B 17 -25.75 -6.81 -9.10
CA ASP B 17 -25.08 -8.10 -8.80
C ASP B 17 -23.97 -8.14 -7.67
N VAL B 18 -24.25 -8.80 -6.52
CA VAL B 18 -23.39 -8.59 -5.33
C VAL B 18 -22.03 -9.33 -5.32
N GLU B 19 -22.04 -10.38 -6.14
CA GLU B 19 -20.77 -10.95 -6.60
C GLU B 19 -20.27 -10.55 -8.00
N SER B 20 -20.84 -9.45 -8.47
CA SER B 20 -19.93 -8.65 -9.29
C SER B 20 -19.27 -7.56 -8.47
N MET B 21 -20.07 -7.06 -7.52
CA MET B 21 -19.45 -6.18 -6.51
C MET B 21 -18.15 -6.68 -5.88
N LYS B 22 -18.28 -7.72 -5.02
CA LYS B 22 -17.01 -8.25 -4.46
C LYS B 22 -15.96 -8.76 -5.45
N LYS B 23 -16.48 -9.19 -6.59
CA LYS B 23 -15.48 -9.44 -7.63
C LYS B 23 -14.60 -8.22 -7.99
N ALA B 24 -15.27 -7.06 -8.08
CA ALA B 24 -14.50 -5.84 -8.37
C ALA B 24 -13.45 -5.53 -7.33
N MET B 25 -13.94 -5.69 -6.10
CA MET B 25 -13.05 -5.30 -5.02
C MET B 25 -11.77 -6.15 -4.85
N VAL B 26 -12.05 -7.44 -4.98
CA VAL B 26 -10.87 -8.32 -5.13
C VAL B 26 -9.89 -7.95 -6.27
N GLU B 27 -10.41 -7.67 -7.49
CA GLU B 27 -9.43 -7.33 -8.57
C GLU B 27 -8.58 -6.04 -8.46
N TYR B 28 -8.98 -5.24 -7.45
CA TYR B 28 -8.05 -4.20 -6.98
C TYR B 28 -6.94 -4.62 -6.02
N GLU B 29 -7.23 -5.81 -5.47
CA GLU B 29 -6.71 -6.42 -4.24
C GLU B 29 -6.93 -5.69 -2.96
N ILE B 30 -8.19 -5.38 -2.73
CA ILE B 30 -8.45 -4.89 -1.39
C ILE B 30 -8.72 -6.10 -0.53
N ASP B 31 -8.18 -6.23 0.68
CA ASP B 31 -8.68 -7.46 1.26
C ASP B 31 -9.94 -7.33 2.02
N LEU B 32 -11.01 -7.74 1.32
CA LEU B 32 -12.38 -7.59 1.89
C LEU B 32 -12.54 -8.25 3.22
N GLN B 33 -11.65 -9.28 3.27
CA GLN B 33 -11.28 -9.89 4.54
C GLN B 33 -11.06 -9.05 5.78
N LYS B 34 -10.37 -7.90 5.63
CA LYS B 34 -10.66 -6.86 6.66
C LYS B 34 -11.38 -5.59 6.25
N MET B 35 -11.54 -5.45 4.94
CA MET B 35 -12.43 -4.39 4.51
C MET B 35 -13.61 -4.81 3.65
N PRO B 36 -14.75 -5.10 4.33
CA PRO B 36 -15.85 -5.87 3.67
C PRO B 36 -16.92 -5.02 2.97
N LEU B 37 -17.50 -5.47 1.84
CA LEU B 37 -18.81 -4.82 1.49
C LEU B 37 -19.75 -4.51 2.68
N GLY B 38 -20.06 -5.56 3.43
CA GLY B 38 -20.69 -5.39 4.75
C GLY B 38 -20.56 -4.09 5.60
N LYS B 39 -19.40 -3.41 5.42
CA LYS B 39 -19.10 -2.12 6.08
C LYS B 39 -17.97 -1.20 5.48
N LEU B 40 -17.88 -1.19 4.14
CA LEU B 40 -17.23 0.02 3.61
C LEU B 40 -18.02 1.34 3.79
N SER B 41 -17.25 2.46 3.71
CA SER B 41 -17.84 3.77 3.96
C SER B 41 -17.49 4.90 3.01
N LYS B 42 -18.48 5.78 2.69
CA LYS B 42 -18.13 7.07 2.03
C LYS B 42 -16.94 7.91 2.54
N ARG B 43 -17.01 8.17 3.84
CA ARG B 43 -15.95 8.95 4.55
C ARG B 43 -14.53 8.28 4.66
N GLN B 44 -14.53 6.97 5.03
CA GLN B 44 -13.36 6.14 4.64
C GLN B 44 -12.75 6.28 3.25
N ILE B 45 -13.62 6.66 2.32
CA ILE B 45 -13.14 6.95 0.95
C ILE B 45 -12.75 8.40 0.65
N GLN B 46 -13.42 9.33 1.32
CA GLN B 46 -12.91 10.68 1.23
C GLN B 46 -11.52 10.92 1.89
N ALA B 47 -11.42 10.38 3.12
CA ALA B 47 -10.11 10.18 3.79
C ALA B 47 -8.96 9.66 2.94
N ALA B 48 -9.25 8.55 2.23
CA ALA B 48 -8.32 8.08 1.20
C ALA B 48 -8.03 8.90 -0.08
N TYR B 49 -9.09 9.52 -0.62
CA TYR B 49 -8.87 10.51 -1.70
C TYR B 49 -7.93 11.67 -1.34
N SER B 50 -8.16 12.24 -0.16
CA SER B 50 -7.23 13.31 0.23
C SER B 50 -5.83 12.93 0.69
N ILE B 51 -5.68 11.72 1.25
CA ILE B 51 -4.31 11.19 1.19
C ILE B 51 -3.75 11.18 -0.22
N LEU B 52 -4.58 10.70 -1.17
CA LEU B 52 -4.04 10.78 -2.54
C LEU B 52 -3.61 12.14 -3.02
N SER B 53 -4.34 13.14 -2.53
CA SER B 53 -3.93 14.52 -2.80
C SER B 53 -2.72 14.99 -2.07
N GLU B 54 -2.75 14.89 -0.73
CA GLU B 54 -1.53 15.01 0.10
C GLU B 54 -0.27 14.41 -0.54
N VAL B 55 -0.39 13.16 -0.90
CA VAL B 55 0.79 12.57 -1.50
C VAL B 55 1.29 13.14 -2.81
N GLN B 56 0.33 13.40 -3.68
CA GLN B 56 0.67 14.00 -4.97
C GLN B 56 1.18 15.44 -4.93
N GLN B 57 0.60 16.13 -3.99
CA GLN B 57 1.15 17.47 -3.87
C GLN B 57 2.43 17.60 -3.07
N ALA B 58 2.58 16.74 -2.06
CA ALA B 58 3.94 16.27 -1.69
C ALA B 58 4.92 16.03 -2.86
N VAL B 59 4.64 15.05 -3.71
CA VAL B 59 5.56 14.92 -4.85
C VAL B 59 5.88 16.16 -5.71
N SER B 60 4.96 17.10 -5.71
CA SER B 60 5.25 18.21 -6.64
C SER B 60 5.85 19.43 -6.03
N GLN B 61 5.35 19.75 -4.84
CA GLN B 61 6.01 20.67 -3.90
C GLN B 61 7.36 20.22 -3.29
N GLY B 62 8.08 19.40 -4.09
CA GLY B 62 9.23 18.54 -3.73
C GLY B 62 9.41 18.19 -2.26
N SER B 63 8.35 17.67 -1.68
CA SER B 63 8.46 17.48 -0.22
C SER B 63 9.23 16.26 0.27
N SER B 64 9.55 16.28 1.56
CA SER B 64 10.39 15.16 2.09
C SER B 64 10.09 13.70 1.76
N ASP B 65 11.03 13.03 1.05
CA ASP B 65 10.86 11.57 0.75
C ASP B 65 10.17 10.68 1.79
N SER B 66 10.71 10.84 2.99
CA SER B 66 10.10 10.45 4.25
C SER B 66 8.66 10.65 4.34
N GLN B 67 8.18 11.90 4.30
CA GLN B 67 6.71 11.89 4.29
C GLN B 67 6.02 11.25 3.10
N ILE B 68 6.63 11.31 1.90
CA ILE B 68 5.94 10.58 0.83
C ILE B 68 5.72 9.11 1.14
N LEU B 69 6.78 8.54 1.71
CA LEU B 69 6.68 7.22 2.30
C LEU B 69 5.61 7.03 3.37
N ASP B 70 5.57 7.96 4.29
CA ASP B 70 4.55 7.74 5.31
C ASP B 70 3.14 7.89 4.86
N LEU B 71 2.93 8.84 3.94
CA LEU B 71 1.65 9.00 3.21
C LEU B 71 1.11 7.77 2.46
N SER B 72 1.97 7.20 1.59
CA SER B 72 1.72 5.77 1.24
C SER B 72 1.27 4.81 2.36
N ASN B 73 2.03 4.77 3.46
CA ASN B 73 1.53 4.03 4.64
C ASN B 73 0.19 4.44 5.19
N ARG B 74 -0.06 5.75 5.27
CA ARG B 74 -1.32 6.16 5.90
C ARG B 74 -2.54 5.91 5.01
N PHE B 75 -2.31 5.96 3.69
CA PHE B 75 -3.29 5.42 2.74
C PHE B 75 -3.53 3.94 2.95
N TYR B 76 -2.44 3.18 2.73
CA TYR B 76 -2.41 1.77 3.13
C TYR B 76 -2.96 1.33 4.49
N THR B 77 -2.95 2.20 5.47
CA THR B 77 -3.70 1.71 6.63
C THR B 77 -5.17 1.63 6.41
N LEU B 78 -5.57 2.73 5.75
CA LEU B 78 -6.91 3.26 5.54
C LEU B 78 -7.73 2.50 4.53
N ILE B 79 -7.03 2.14 3.48
CA ILE B 79 -7.74 1.24 2.55
C ILE B 79 -7.02 -0.09 2.46
N PRO B 80 -7.51 -1.11 3.20
CA PRO B 80 -6.71 -2.36 3.37
C PRO B 80 -6.51 -3.23 2.16
N HIS B 81 -5.30 -3.33 1.62
CA HIS B 81 -5.06 -4.29 0.52
C HIS B 81 -4.61 -5.80 0.89
N ASP B 82 -4.63 -6.72 -0.11
CA ASP B 82 -4.09 -8.10 -0.10
C ASP B 82 -3.07 -8.37 -1.20
N PHE B 83 -1.88 -7.83 -1.01
CA PHE B 83 -1.22 -7.47 -2.25
C PHE B 83 -0.23 -8.38 -3.02
N GLY B 84 -0.16 -9.69 -2.67
CA GLY B 84 0.99 -10.44 -3.24
C GLY B 84 2.32 -10.18 -2.50
N MET B 85 3.44 -10.32 -3.26
CA MET B 85 4.80 -10.44 -2.61
C MET B 85 6.10 -10.36 -3.47
N LYS B 86 6.56 -9.13 -3.90
CA LYS B 86 5.85 -7.83 -4.10
C LYS B 86 4.91 -7.23 -3.06
N LYS B 87 5.50 -6.23 -2.42
CA LYS B 87 4.72 -5.40 -1.48
C LYS B 87 3.71 -4.45 -2.21
N PRO B 88 2.77 -3.85 -1.42
CA PRO B 88 1.90 -2.82 -2.01
C PRO B 88 2.69 -1.83 -2.79
N PRO B 89 2.08 -1.17 -3.80
CA PRO B 89 2.92 -0.21 -4.54
C PRO B 89 3.22 1.08 -3.82
N LEU B 90 4.43 1.58 -4.06
CA LEU B 90 4.71 2.85 -3.41
C LEU B 90 3.97 4.07 -3.96
N LEU B 91 3.28 4.76 -3.06
CA LEU B 91 2.60 5.88 -3.66
C LEU B 91 3.39 7.19 -3.79
N ASN B 92 4.44 7.13 -4.64
CA ASN B 92 5.24 8.29 -5.09
C ASN B 92 5.32 8.54 -6.60
N ASN B 93 4.32 7.94 -7.12
CA ASN B 93 4.09 8.01 -8.53
C ASN B 93 2.76 8.72 -8.85
N ALA B 94 2.69 9.47 -9.96
CA ALA B 94 1.33 9.71 -10.45
C ALA B 94 0.66 8.52 -11.13
N ASP B 95 1.50 7.63 -11.69
CA ASP B 95 0.91 6.37 -12.16
C ASP B 95 0.16 5.59 -11.08
N SER B 96 0.86 5.38 -9.95
CA SER B 96 0.12 4.86 -8.77
C SER B 96 -0.91 5.70 -8.01
N VAL B 97 -0.80 7.04 -8.01
CA VAL B 97 -2.01 7.72 -7.54
C VAL B 97 -3.25 7.70 -8.44
N GLN B 98 -3.04 7.84 -9.77
CA GLN B 98 -3.99 7.28 -10.75
C GLN B 98 -4.61 5.91 -10.40
N ALA B 99 -3.75 4.89 -10.44
CA ALA B 99 -4.09 3.53 -10.01
C ALA B 99 -5.02 3.37 -8.83
N LYS B 100 -4.79 4.24 -7.84
CA LYS B 100 -5.83 4.14 -6.82
C LYS B 100 -6.82 5.28 -6.62
N VAL B 101 -6.75 6.31 -7.48
CA VAL B 101 -8.02 7.06 -7.62
C VAL B 101 -9.07 6.31 -8.43
N GLU B 102 -8.65 5.63 -9.55
CA GLU B 102 -9.73 4.92 -10.29
C GLU B 102 -10.47 3.86 -9.51
N MET B 103 -9.66 3.04 -8.81
CA MET B 103 -10.17 2.28 -7.63
C MET B 103 -11.21 3.00 -6.75
N LEU B 104 -10.86 4.20 -6.30
CA LEU B 104 -11.65 4.94 -5.32
C LEU B 104 -12.94 5.51 -5.87
N ASP B 105 -12.94 5.74 -7.21
CA ASP B 105 -14.14 6.23 -7.93
C ASP B 105 -15.18 5.16 -7.92
N ASN B 106 -14.72 4.09 -8.53
CA ASN B 106 -15.45 2.83 -8.39
C ASN B 106 -16.00 2.37 -7.03
N LEU B 107 -15.15 2.23 -6.02
CA LEU B 107 -15.81 1.98 -4.75
C LEU B 107 -16.84 2.99 -4.27
N LEU B 108 -16.74 4.28 -4.63
CA LEU B 108 -17.90 5.13 -4.26
C LEU B 108 -19.24 4.75 -4.88
N ASP B 109 -19.13 4.20 -6.08
CA ASP B 109 -20.35 3.54 -6.53
C ASP B 109 -20.73 2.16 -5.96
N ILE B 110 -19.72 1.30 -5.78
CA ILE B 110 -19.86 0.11 -4.92
C ILE B 110 -20.23 0.32 -3.43
N GLU B 111 -19.97 1.49 -2.90
CA GLU B 111 -20.65 1.79 -1.64
C GLU B 111 -22.10 2.05 -1.89
N VAL B 112 -22.37 2.80 -2.98
CA VAL B 112 -23.79 3.17 -3.09
C VAL B 112 -24.71 2.01 -3.45
N ALA B 113 -24.28 1.19 -4.45
CA ALA B 113 -25.00 -0.08 -4.71
C ALA B 113 -25.36 -0.83 -3.42
N TYR B 114 -24.26 -1.27 -2.77
CA TYR B 114 -24.33 -1.89 -1.43
C TYR B 114 -25.22 -1.15 -0.42
N SER B 115 -25.14 0.18 -0.44
CA SER B 115 -26.04 0.94 0.43
C SER B 115 -27.52 0.82 0.14
N LEU B 116 -27.82 0.77 -1.19
CA LEU B 116 -29.22 0.67 -1.61
C LEU B 116 -29.91 -0.57 -1.08
N LEU B 117 -29.15 -1.66 -1.32
CA LEU B 117 -29.31 -2.92 -0.55
C LEU B 117 -29.07 -2.93 0.96
N ARG B 118 -29.27 -1.80 1.58
CA ARG B 118 -29.71 -1.95 2.96
C ARG B 118 -31.02 -1.23 3.30
N GLY B 119 -31.01 0.08 2.98
CA GLY B 119 -31.97 1.07 3.47
C GLY B 119 -33.45 0.84 3.91
N GLY B 120 -34.30 0.23 3.08
CA GLY B 120 -34.06 -0.59 1.88
C GLY B 120 -34.91 -1.87 1.83
N SER B 121 -34.57 -2.81 2.75
CA SER B 121 -34.84 -4.22 2.36
C SER B 121 -35.57 -5.36 3.21
N ASP B 122 -36.49 -5.01 4.11
CA ASP B 122 -37.37 -6.17 4.46
C ASP B 122 -38.65 -6.52 3.64
N ASP B 123 -39.53 -5.49 3.47
CA ASP B 123 -41.01 -5.56 3.38
C ASP B 123 -41.87 -6.73 2.84
N SER B 124 -42.68 -7.30 3.78
CA SER B 124 -43.72 -8.32 3.45
C SER B 124 -44.65 -8.21 2.21
N SER B 125 -44.69 -6.98 1.63
CA SER B 125 -45.54 -6.82 0.44
C SER B 125 -44.93 -6.45 -0.91
N LYS B 126 -43.58 -6.44 -0.99
CA LYS B 126 -43.04 -6.07 -2.32
C LYS B 126 -41.74 -6.63 -2.94
N ASP B 127 -41.71 -7.97 -3.14
CA ASP B 127 -41.05 -8.65 -4.28
C ASP B 127 -39.71 -8.27 -4.98
N PRO B 128 -38.65 -9.02 -4.67
CA PRO B 128 -37.28 -8.63 -5.03
C PRO B 128 -37.05 -7.38 -5.89
N ILE B 129 -37.11 -7.62 -7.21
CA ILE B 129 -36.76 -6.63 -8.27
C ILE B 129 -37.37 -5.19 -8.26
N ASP B 130 -38.62 -5.17 -7.83
CA ASP B 130 -39.31 -3.90 -7.79
C ASP B 130 -38.94 -3.02 -6.58
N VAL B 131 -38.77 -3.68 -5.40
CA VAL B 131 -38.36 -2.90 -4.20
C VAL B 131 -36.97 -2.24 -4.36
N ASN B 132 -36.10 -2.99 -5.07
CA ASN B 132 -35.01 -2.28 -5.78
C ASN B 132 -35.30 -0.99 -6.63
N TYR B 133 -36.03 -1.19 -7.75
CA TYR B 133 -36.55 -0.13 -8.66
C TYR B 133 -37.07 1.20 -8.10
N GLU B 134 -37.82 1.10 -6.99
CA GLU B 134 -38.14 2.37 -6.32
C GLU B 134 -37.01 3.24 -5.67
N LYS B 135 -35.89 2.57 -5.39
CA LYS B 135 -34.70 3.32 -4.90
C LYS B 135 -33.62 3.62 -6.02
N LEU B 136 -33.64 2.83 -7.10
CA LEU B 136 -33.03 3.24 -8.39
C LEU B 136 -33.27 4.63 -9.06
N LYS B 137 -33.96 5.48 -8.33
CA LYS B 137 -35.33 5.80 -8.76
C LYS B 137 -35.62 6.48 -10.13
N THR B 138 -36.13 5.62 -11.04
CA THR B 138 -35.83 5.80 -12.49
C THR B 138 -37.02 5.83 -13.52
N ASP B 139 -36.71 5.69 -14.81
CA ASP B 139 -37.74 5.08 -15.64
C ASP B 139 -37.18 4.21 -16.78
N ILE B 140 -36.93 2.90 -16.46
CA ILE B 140 -36.18 2.17 -17.49
C ILE B 140 -36.97 1.48 -18.62
N LYS B 141 -37.82 2.29 -19.26
CA LYS B 141 -38.67 1.64 -20.28
C LYS B 141 -38.01 1.25 -21.60
N VAL B 142 -38.71 0.34 -22.27
CA VAL B 142 -37.91 -0.36 -23.26
C VAL B 142 -38.11 -0.02 -24.71
N VAL B 143 -37.01 0.25 -25.32
CA VAL B 143 -37.13 0.69 -26.69
C VAL B 143 -37.37 -0.43 -27.69
N ASP B 144 -38.67 -0.76 -27.90
CA ASP B 144 -39.10 -1.53 -29.10
C ASP B 144 -38.03 -1.87 -30.17
N ARG B 145 -37.41 -3.02 -30.05
CA ARG B 145 -36.25 -3.28 -30.93
C ARG B 145 -36.19 -3.06 -32.47
N ASP B 146 -37.26 -2.54 -33.10
CA ASP B 146 -37.10 -2.03 -34.48
C ASP B 146 -37.66 -0.61 -34.92
N SER B 147 -37.99 0.20 -33.89
CA SER B 147 -38.36 1.62 -34.02
C SER B 147 -37.23 2.66 -34.17
N GLU B 148 -37.58 3.83 -34.77
CA GLU B 148 -36.51 4.74 -35.22
C GLU B 148 -35.42 5.17 -34.21
N GLU B 149 -35.88 5.61 -33.02
CA GLU B 149 -34.88 5.77 -31.95
C GLU B 149 -33.91 4.57 -31.83
N ALA B 150 -34.46 3.35 -31.70
CA ALA B 150 -33.52 2.19 -31.82
C ALA B 150 -32.85 1.91 -33.17
N GLU B 151 -33.38 2.55 -34.18
CA GLU B 151 -32.62 2.59 -35.42
C GLU B 151 -31.37 3.48 -35.30
N ILE B 152 -31.62 4.79 -35.14
CA ILE B 152 -30.50 5.74 -34.99
C ILE B 152 -29.45 5.33 -33.98
N ILE B 153 -29.96 4.78 -32.84
CA ILE B 153 -29.04 4.31 -31.82
C ILE B 153 -28.14 3.15 -32.26
N ARG B 154 -28.72 2.16 -32.91
CA ARG B 154 -27.76 1.32 -33.65
C ARG B 154 -26.83 1.99 -34.65
N LYS B 155 -27.27 3.06 -35.28
CA LYS B 155 -26.29 3.75 -36.16
C LYS B 155 -25.09 4.38 -35.47
N TYR B 156 -25.40 5.13 -34.39
CA TYR B 156 -24.38 5.45 -33.39
C TYR B 156 -23.51 4.28 -32.87
N VAL B 157 -24.12 3.24 -32.27
CA VAL B 157 -23.27 2.09 -31.86
C VAL B 157 -22.43 1.47 -32.96
N LYS B 158 -23.02 1.21 -34.12
CA LYS B 158 -22.09 0.78 -35.17
C LYS B 158 -20.97 1.77 -35.50
N ASN B 159 -21.32 2.81 -36.24
CA ASN B 159 -20.18 3.46 -36.91
C ASN B 159 -19.17 4.31 -36.08
N THR B 160 -19.51 4.52 -34.80
CA THR B 160 -18.47 5.13 -33.94
C THR B 160 -17.60 4.20 -33.07
N HIS B 161 -17.53 2.96 -33.57
CA HIS B 161 -16.40 2.06 -33.33
C HIS B 161 -15.05 2.48 -33.87
N ALA B 162 -13.95 2.25 -33.10
CA ALA B 162 -12.68 2.45 -33.85
C ALA B 162 -11.59 1.41 -33.72
N THR B 163 -10.71 1.35 -34.74
CA THR B 163 -9.57 0.37 -34.79
C THR B 163 -8.66 0.22 -33.54
N THR B 164 -8.12 1.36 -33.08
CA THR B 164 -7.23 1.32 -31.89
C THR B 164 -7.83 1.09 -30.47
N HIS B 165 -8.94 0.34 -30.56
CA HIS B 165 -9.73 -0.42 -29.57
C HIS B 165 -10.89 -1.28 -30.24
N ASN B 166 -10.43 -1.96 -31.29
CA ASN B 166 -11.21 -3.15 -31.54
C ASN B 166 -10.49 -4.39 -31.02
N ALA B 167 -10.88 -4.77 -29.80
CA ALA B 167 -10.69 -6.17 -29.36
C ALA B 167 -11.88 -6.72 -28.58
N TYR B 168 -12.89 -7.17 -29.37
CA TYR B 168 -14.35 -6.90 -29.19
C TYR B 168 -15.02 -6.02 -30.23
N ASP B 169 -15.97 -6.65 -30.91
CA ASP B 169 -16.94 -5.84 -31.67
C ASP B 169 -18.35 -5.98 -31.06
N LEU B 170 -19.19 -4.96 -31.29
CA LEU B 170 -20.20 -4.80 -30.22
C LEU B 170 -21.68 -5.29 -30.45
N GLU B 171 -22.55 -5.18 -29.42
CA GLU B 171 -23.89 -5.75 -29.65
C GLU B 171 -25.08 -5.39 -28.75
N VAL B 172 -26.21 -5.25 -29.43
CA VAL B 172 -27.26 -4.62 -28.61
C VAL B 172 -28.41 -5.53 -28.12
N ILE B 173 -28.50 -5.60 -26.80
CA ILE B 173 -29.55 -6.51 -26.30
C ILE B 173 -30.74 -5.80 -25.65
N ASP B 174 -30.38 -4.77 -24.94
CA ASP B 174 -31.54 -3.97 -24.56
C ASP B 174 -31.28 -2.53 -24.92
N ILE B 175 -32.39 -1.81 -25.25
CA ILE B 175 -32.33 -0.34 -25.40
C ILE B 175 -33.27 0.38 -24.44
N PHE B 176 -32.70 1.16 -23.57
CA PHE B 176 -33.60 1.78 -22.64
C PHE B 176 -33.74 3.30 -22.84
N LYS B 177 -34.94 3.80 -22.52
CA LYS B 177 -35.10 5.25 -22.31
C LYS B 177 -35.32 5.51 -20.85
N ILE B 178 -34.55 6.51 -20.40
CA ILE B 178 -34.54 6.75 -18.94
C ILE B 178 -34.85 8.16 -18.57
N GLU B 179 -35.91 8.37 -17.82
CA GLU B 179 -35.95 9.73 -17.34
C GLU B 179 -35.71 9.72 -15.87
N ARG B 180 -34.44 9.91 -15.47
CA ARG B 180 -34.16 9.85 -14.03
C ARG B 180 -35.07 10.73 -13.17
N GLU B 181 -35.61 10.26 -12.02
CA GLU B 181 -36.32 11.30 -11.23
C GLU B 181 -35.54 12.62 -10.99
N GLY B 182 -36.29 13.72 -10.84
CA GLY B 182 -35.67 15.07 -10.64
C GLY B 182 -34.87 15.76 -11.77
N GLU B 183 -34.12 14.96 -12.50
CA GLU B 183 -33.04 15.43 -13.38
C GLU B 183 -33.37 16.36 -14.51
N CYS B 184 -34.59 16.15 -15.01
CA CYS B 184 -35.13 16.97 -16.12
C CYS B 184 -35.52 18.41 -15.84
N GLN B 185 -36.16 18.50 -14.67
CA GLN B 185 -36.03 19.77 -13.95
C GLN B 185 -34.64 20.40 -13.96
N ARG B 186 -33.70 19.82 -13.18
CA ARG B 186 -32.42 20.57 -13.08
C ARG B 186 -31.61 20.83 -14.33
N TYR B 187 -31.92 20.03 -15.39
CA TYR B 187 -31.40 20.28 -16.75
C TYR B 187 -31.93 21.49 -17.51
N LYS B 188 -33.09 21.99 -17.12
CA LYS B 188 -33.59 22.95 -18.10
C LYS B 188 -32.93 24.35 -18.35
N PRO B 189 -32.41 25.02 -17.29
CA PRO B 189 -31.47 26.09 -17.60
C PRO B 189 -30.45 25.76 -18.71
N PHE B 190 -29.94 24.53 -18.67
CA PHE B 190 -28.94 24.21 -19.69
C PHE B 190 -29.44 23.78 -21.07
N LYS B 191 -30.75 23.62 -21.17
CA LYS B 191 -31.38 23.58 -22.52
C LYS B 191 -31.26 24.89 -23.30
N GLN B 192 -31.23 25.96 -22.52
CA GLN B 192 -31.06 27.24 -23.19
C GLN B 192 -29.73 27.61 -23.75
N LEU B 193 -28.78 26.68 -23.70
CA LEU B 193 -27.67 27.18 -24.48
C LEU B 193 -27.27 26.42 -25.71
N HIS B 194 -26.62 27.19 -26.55
CA HIS B 194 -25.43 26.72 -27.23
C HIS B 194 -25.07 25.24 -27.25
N ASN B 195 -24.98 24.81 -28.48
CA ASN B 195 -24.81 23.39 -28.84
C ASN B 195 -23.61 22.58 -28.34
N ARG B 196 -23.83 21.46 -27.62
CA ARG B 196 -24.99 20.56 -27.32
C ARG B 196 -25.26 19.25 -28.12
N ARG B 197 -24.72 18.16 -27.54
CA ARG B 197 -24.58 16.86 -28.20
C ARG B 197 -25.09 15.74 -27.34
N LEU B 198 -25.32 14.63 -28.03
CA LEU B 198 -25.50 13.34 -27.39
C LEU B 198 -24.21 12.52 -27.36
N LEU B 199 -23.77 12.26 -26.15
CA LEU B 199 -22.49 11.52 -26.08
C LEU B 199 -22.47 10.25 -25.23
N TRP B 200 -21.68 9.27 -25.65
CA TRP B 200 -21.66 8.11 -24.74
C TRP B 200 -20.82 8.30 -23.51
N HIS B 201 -21.36 7.79 -22.43
CA HIS B 201 -20.51 7.62 -21.26
C HIS B 201 -20.51 6.19 -20.77
N GLY B 202 -19.35 5.56 -20.98
CA GLY B 202 -19.13 4.19 -20.45
C GLY B 202 -18.61 3.98 -19.01
N SER B 203 -19.08 2.89 -18.41
CA SER B 203 -18.83 2.61 -16.98
C SER B 203 -18.92 1.12 -16.54
N ARG B 204 -18.47 0.85 -15.30
CA ARG B 204 -18.66 -0.52 -14.77
C ARG B 204 -20.05 -0.83 -14.17
N THR B 205 -20.62 -2.00 -14.48
CA THR B 205 -21.97 -2.29 -13.94
C THR B 205 -22.23 -2.08 -12.42
N THR B 206 -21.20 -2.40 -11.66
CA THR B 206 -21.19 -2.10 -10.19
C THR B 206 -21.38 -0.64 -9.73
N ASN B 207 -20.92 0.26 -10.65
CA ASN B 207 -21.08 1.73 -10.58
C ASN B 207 -22.49 2.19 -10.85
N PHE B 208 -22.97 1.57 -11.94
CA PHE B 208 -24.30 1.87 -12.51
C PHE B 208 -25.51 1.95 -11.59
N ALA B 209 -25.39 1.14 -10.53
CA ALA B 209 -26.28 1.42 -9.39
C ALA B 209 -26.51 2.91 -9.02
N GLY B 210 -25.41 3.50 -8.58
CA GLY B 210 -25.46 4.89 -8.18
C GLY B 210 -25.65 5.89 -9.29
N ILE B 211 -25.12 5.57 -10.48
CA ILE B 211 -25.48 6.44 -11.61
C ILE B 211 -27.00 6.66 -11.90
N LEU B 212 -27.77 5.57 -11.82
CA LEU B 212 -29.22 5.71 -11.84
C LEU B 212 -29.90 6.42 -10.67
N SER B 213 -29.32 6.33 -9.47
CA SER B 213 -30.06 7.01 -8.41
C SER B 213 -29.54 8.32 -7.91
N GLN B 214 -28.40 8.70 -8.50
CA GLN B 214 -27.86 10.06 -8.35
C GLN B 214 -27.07 10.67 -9.52
N GLY B 215 -27.17 9.98 -10.66
CA GLY B 215 -26.71 10.61 -11.90
C GLY B 215 -25.22 10.63 -12.08
N LEU B 216 -24.78 10.77 -13.34
CA LEU B 216 -23.35 11.13 -13.46
C LEU B 216 -22.87 12.26 -12.58
N ARG B 217 -22.30 11.92 -11.44
CA ARG B 217 -21.73 12.97 -10.60
C ARG B 217 -20.31 13.42 -10.88
N ILE B 218 -20.07 14.48 -10.21
CA ILE B 218 -18.73 14.96 -9.80
C ILE B 218 -17.82 14.17 -8.80
N ALA B 219 -16.52 14.24 -9.00
CA ALA B 219 -15.71 13.68 -7.90
C ALA B 219 -15.57 14.50 -6.60
N PRO B 220 -15.45 13.82 -5.42
CA PRO B 220 -15.57 14.57 -4.17
C PRO B 220 -14.37 15.46 -3.88
N PRO B 221 -14.52 16.50 -3.02
CA PRO B 221 -13.46 17.50 -2.80
C PRO B 221 -12.00 17.14 -2.67
N GLU B 222 -11.70 16.51 -1.56
CA GLU B 222 -10.75 15.37 -1.50
C GLU B 222 -10.00 14.69 -2.69
N ALA B 223 -10.68 14.30 -3.78
CA ALA B 223 -9.94 13.73 -4.91
C ALA B 223 -8.85 14.67 -5.44
N PRO B 224 -7.69 14.13 -5.92
CA PRO B 224 -6.74 15.10 -6.45
C PRO B 224 -7.15 15.55 -7.81
N VAL B 225 -7.17 16.87 -8.02
CA VAL B 225 -7.41 17.30 -9.41
C VAL B 225 -6.48 16.70 -10.49
N THR B 226 -5.37 16.19 -9.97
CA THR B 226 -4.41 15.56 -10.85
C THR B 226 -4.65 14.12 -11.20
N GLY B 227 -5.60 13.48 -10.50
CA GLY B 227 -5.71 12.04 -10.83
C GLY B 227 -6.68 11.62 -11.92
N TYR B 228 -6.79 12.56 -12.90
CA TYR B 228 -7.81 12.80 -13.93
C TYR B 228 -7.36 13.76 -15.02
N MET B 229 -7.36 13.30 -16.27
CA MET B 229 -6.78 14.07 -17.38
C MET B 229 -7.05 15.55 -17.50
N PHE B 230 -8.26 15.87 -17.04
CA PHE B 230 -8.87 17.19 -17.18
C PHE B 230 -9.67 17.57 -15.97
N GLY B 231 -9.24 17.08 -14.84
CA GLY B 231 -10.11 17.41 -13.70
C GLY B 231 -11.44 16.69 -13.56
N LYS B 232 -12.20 17.21 -12.62
CA LYS B 232 -13.55 16.67 -12.40
C LYS B 232 -14.68 17.72 -12.39
N GLY B 233 -15.31 17.83 -13.54
CA GLY B 233 -15.21 16.87 -14.66
C GLY B 233 -16.10 15.62 -14.67
N ILE B 234 -17.19 15.69 -15.45
CA ILE B 234 -17.87 14.49 -15.98
C ILE B 234 -17.45 14.22 -17.38
N TYR B 235 -16.89 13.03 -17.63
CA TYR B 235 -16.37 12.75 -18.98
C TYR B 235 -17.23 11.92 -19.93
N PHE B 236 -17.45 12.47 -21.10
CA PHE B 236 -18.18 11.73 -22.10
C PHE B 236 -17.27 11.50 -23.27
N ALA B 237 -17.70 10.64 -24.13
CA ALA B 237 -17.10 10.77 -25.46
C ALA B 237 -18.09 10.58 -26.60
N ASP B 238 -17.52 10.77 -27.79
CA ASP B 238 -18.27 10.44 -29.02
C ASP B 238 -17.85 9.24 -29.89
N MET B 239 -17.18 8.26 -29.26
CA MET B 239 -16.97 6.97 -29.91
C MET B 239 -17.61 5.90 -29.05
N VAL B 240 -18.27 4.91 -29.65
CA VAL B 240 -18.92 3.97 -28.70
C VAL B 240 -17.96 3.03 -27.97
N SER B 241 -16.97 2.56 -28.74
CA SER B 241 -15.79 1.93 -28.14
C SER B 241 -14.96 2.69 -27.08
N LYS B 242 -14.48 3.91 -27.39
CA LYS B 242 -13.87 4.70 -26.28
C LYS B 242 -14.62 4.76 -24.97
N SER B 243 -15.87 5.06 -25.09
CA SER B 243 -16.56 4.97 -23.81
C SER B 243 -16.84 3.57 -23.27
N ALA B 244 -16.81 2.62 -24.19
CA ALA B 244 -17.23 1.30 -23.73
C ALA B 244 -16.15 0.57 -22.98
N ASN B 245 -14.90 1.00 -23.31
CA ASN B 245 -13.78 0.63 -22.45
C ASN B 245 -13.96 0.84 -20.95
N TYR B 246 -14.45 2.04 -20.61
CA TYR B 246 -14.81 2.24 -19.20
C TYR B 246 -15.85 1.28 -18.57
N CYS B 247 -16.33 0.38 -19.42
CA CYS B 247 -17.04 -0.76 -18.87
C CYS B 247 -16.17 -1.86 -18.20
N HIS B 248 -15.07 -2.23 -18.88
CA HIS B 248 -14.22 -3.37 -18.42
C HIS B 248 -14.93 -4.76 -18.21
N THR B 249 -15.73 -4.98 -19.26
CA THR B 249 -16.47 -6.22 -19.54
C THR B 249 -15.58 -7.27 -20.05
N SER B 250 -15.96 -8.48 -19.58
CA SER B 250 -15.06 -9.66 -19.57
C SER B 250 -15.36 -10.77 -20.53
N GLN B 251 -14.30 -11.42 -21.04
CA GLN B 251 -14.58 -12.77 -21.63
C GLN B 251 -14.48 -13.99 -20.69
N GLY B 252 -15.48 -14.28 -19.84
CA GLY B 252 -16.88 -13.81 -19.72
C GLY B 252 -17.52 -13.71 -18.30
N ASP B 253 -18.67 -13.04 -18.22
CA ASP B 253 -19.44 -12.28 -19.25
C ASP B 253 -18.99 -10.93 -19.77
N PRO B 254 -19.19 -10.80 -21.08
CA PRO B 254 -19.34 -9.43 -21.60
C PRO B 254 -20.74 -8.83 -21.48
N ILE B 255 -21.37 -8.96 -20.30
CA ILE B 255 -22.70 -8.31 -20.23
C ILE B 255 -22.67 -6.83 -19.76
N GLY B 256 -22.51 -5.90 -20.73
CA GLY B 256 -22.17 -4.52 -20.35
C GLY B 256 -23.15 -3.33 -20.54
N LEU B 257 -22.76 -2.22 -19.90
CA LEU B 257 -23.57 -1.00 -19.85
C LEU B 257 -22.97 0.30 -20.40
N ILE B 258 -23.80 0.97 -21.18
CA ILE B 258 -23.37 2.30 -21.64
C ILE B 258 -24.51 3.31 -21.87
N LEU B 259 -24.54 4.29 -20.96
CA LEU B 259 -25.32 5.47 -21.28
C LEU B 259 -25.00 6.25 -22.61
N LEU B 260 -26.07 6.89 -23.09
CA LEU B 260 -26.04 8.21 -23.76
C LEU B 260 -26.66 9.30 -22.91
N GLY B 261 -25.86 10.35 -22.79
CA GLY B 261 -26.45 11.56 -22.17
C GLY B 261 -26.55 12.74 -23.13
N GLU B 262 -27.67 13.47 -23.04
CA GLU B 262 -27.63 14.79 -23.63
C GLU B 262 -26.91 15.81 -22.72
N VAL B 263 -25.86 16.36 -23.29
CA VAL B 263 -24.98 17.24 -22.54
C VAL B 263 -24.83 18.59 -23.22
N ALA B 264 -25.14 19.53 -22.36
CA ALA B 264 -25.06 20.94 -22.70
C ALA B 264 -23.67 21.51 -22.88
N LEU B 265 -23.16 21.27 -24.05
CA LEU B 265 -21.81 21.77 -24.25
C LEU B 265 -21.47 23.27 -24.19
N GLY B 266 -22.31 24.08 -24.81
CA GLY B 266 -21.92 25.48 -24.96
C GLY B 266 -20.65 25.83 -25.72
N ASN B 267 -20.03 26.87 -25.21
CA ASN B 267 -18.69 27.13 -25.74
C ASN B 267 -17.51 26.37 -25.03
N MET B 268 -16.87 25.53 -25.89
CA MET B 268 -15.94 24.48 -25.47
C MET B 268 -14.43 24.72 -25.53
N TYR B 269 -13.76 24.54 -24.36
CA TYR B 269 -12.29 24.70 -24.20
C TYR B 269 -11.51 23.59 -24.88
N GLU B 270 -10.90 23.91 -25.98
CA GLU B 270 -10.31 22.83 -26.76
C GLU B 270 -8.87 22.43 -26.42
N LEU B 271 -8.74 21.51 -25.48
CA LEU B 271 -7.37 21.16 -25.11
C LEU B 271 -6.79 20.07 -25.96
N LYS B 272 -5.52 20.16 -26.34
CA LYS B 272 -5.01 18.95 -26.99
C LYS B 272 -4.35 17.93 -26.05
N HIS B 273 -4.05 18.38 -24.81
CA HIS B 273 -3.49 17.60 -23.69
C HIS B 273 -3.89 18.05 -22.29
N ALA B 274 -3.59 17.16 -21.33
CA ALA B 274 -4.11 17.36 -19.95
C ALA B 274 -4.07 18.71 -19.28
N SER B 275 -5.05 18.84 -18.40
CA SER B 275 -5.28 20.10 -17.70
C SER B 275 -6.00 19.93 -16.43
N HIS B 276 -5.28 20.31 -15.41
CA HIS B 276 -5.83 19.98 -14.11
C HIS B 276 -6.57 21.10 -13.43
N ILE B 277 -7.88 20.89 -13.51
CA ILE B 277 -8.84 21.97 -13.38
C ILE B 277 -10.13 21.67 -12.63
N SER B 278 -10.83 22.76 -12.31
CA SER B 278 -12.05 22.86 -11.46
C SER B 278 -13.01 23.93 -11.93
N LYS B 279 -12.28 24.98 -12.31
CA LYS B 279 -12.65 26.21 -13.01
C LYS B 279 -12.05 26.23 -14.42
N LEU B 280 -12.92 25.79 -15.32
CA LEU B 280 -13.09 26.56 -16.58
C LEU B 280 -12.95 28.10 -16.50
N PRO B 281 -12.27 28.72 -17.50
CA PRO B 281 -12.28 30.20 -17.51
C PRO B 281 -13.62 30.77 -18.04
N LYS B 282 -14.13 31.82 -17.41
CA LYS B 282 -15.11 32.69 -18.06
C LYS B 282 -15.23 32.68 -19.59
N GLY B 283 -16.46 32.77 -20.03
CA GLY B 283 -16.62 32.47 -21.46
C GLY B 283 -16.81 31.01 -21.90
N LYS B 284 -16.09 30.11 -21.19
CA LYS B 284 -16.06 28.66 -21.37
C LYS B 284 -16.86 27.76 -20.40
N HIS B 285 -17.60 26.86 -21.06
CA HIS B 285 -18.64 26.06 -20.37
C HIS B 285 -18.33 24.62 -20.26
N SER B 286 -17.71 24.17 -21.32
CA SER B 286 -17.27 22.79 -21.37
C SER B 286 -15.81 22.60 -21.76
N VAL B 287 -15.32 21.39 -21.55
CA VAL B 287 -14.03 21.12 -22.21
C VAL B 287 -14.12 20.04 -23.27
N LYS B 288 -13.29 20.28 -24.27
CA LYS B 288 -13.08 19.36 -25.37
C LYS B 288 -11.60 18.92 -25.56
N GLY B 289 -11.43 17.63 -25.28
CA GLY B 289 -10.16 17.13 -25.75
C GLY B 289 -10.18 16.80 -27.22
N LEU B 290 -9.19 17.32 -27.91
CA LEU B 290 -9.16 16.97 -29.33
C LEU B 290 -8.45 15.69 -29.77
N GLY B 291 -9.25 14.83 -30.42
CA GLY B 291 -8.61 13.71 -31.10
C GLY B 291 -8.05 13.92 -32.51
N LYS B 292 -7.12 13.01 -32.77
CA LYS B 292 -6.66 12.70 -34.12
C LYS B 292 -7.76 12.15 -35.03
N THR B 293 -8.72 11.52 -34.35
CA THR B 293 -9.89 10.96 -35.03
C THR B 293 -11.24 11.43 -34.51
N THR B 294 -12.10 11.82 -35.46
CA THR B 294 -13.49 12.27 -35.27
C THR B 294 -14.54 11.55 -36.10
N PRO B 295 -15.81 11.53 -35.63
CA PRO B 295 -16.87 11.14 -36.57
C PRO B 295 -16.90 12.05 -37.76
N ASP B 296 -17.21 11.50 -38.97
CA ASP B 296 -17.35 12.50 -40.04
C ASP B 296 -18.46 13.56 -39.88
N PRO B 297 -18.02 14.81 -39.97
CA PRO B 297 -18.93 15.89 -39.69
C PRO B 297 -20.19 15.99 -40.56
N SER B 298 -20.14 15.52 -41.83
CA SER B 298 -21.41 15.53 -42.62
C SER B 298 -22.55 14.54 -42.36
N ALA B 299 -22.22 13.37 -41.78
CA ALA B 299 -23.33 12.55 -41.23
C ALA B 299 -23.75 12.80 -39.78
N ASN B 300 -23.43 13.98 -39.28
CA ASN B 300 -24.22 14.38 -38.11
C ASN B 300 -25.75 14.28 -38.31
N ILE B 301 -26.43 13.84 -37.26
CA ILE B 301 -27.90 13.91 -37.44
C ILE B 301 -28.79 14.46 -36.31
N SER B 302 -29.95 13.81 -36.00
CA SER B 302 -30.82 14.35 -34.93
C SER B 302 -31.76 13.33 -34.32
N LEU B 303 -32.40 13.72 -33.17
CA LEU B 303 -32.68 12.98 -31.90
C LEU B 303 -32.27 13.74 -30.55
N ASP B 304 -32.11 15.09 -30.61
CA ASP B 304 -33.28 16.03 -30.60
C ASP B 304 -33.21 17.46 -31.28
N GLY B 305 -32.17 17.67 -32.05
CA GLY B 305 -31.95 19.08 -32.41
C GLY B 305 -31.37 20.10 -31.38
N VAL B 306 -30.16 19.91 -30.74
CA VAL B 306 -29.40 18.70 -30.29
C VAL B 306 -28.74 17.72 -31.25
N ASP B 307 -27.41 17.76 -31.32
CA ASP B 307 -26.74 16.89 -32.26
C ASP B 307 -26.07 15.63 -31.81
N VAL B 308 -25.90 14.77 -32.79
CA VAL B 308 -25.64 13.34 -32.57
C VAL B 308 -24.48 12.88 -33.46
N PRO B 309 -23.20 12.96 -32.92
CA PRO B 309 -22.01 12.77 -33.76
C PRO B 309 -21.88 11.41 -34.51
N LEU B 310 -22.56 11.35 -35.64
CA LEU B 310 -22.79 9.97 -36.03
C LEU B 310 -21.77 9.39 -36.97
N GLY B 311 -21.19 10.26 -37.80
CA GLY B 311 -20.40 9.67 -38.89
C GLY B 311 -19.30 8.63 -38.57
N THR B 312 -19.39 7.45 -39.22
CA THR B 312 -18.15 6.66 -39.41
C THR B 312 -16.79 7.36 -39.29
N GLY B 313 -16.10 7.05 -38.20
CA GLY B 313 -14.94 7.85 -37.74
C GLY B 313 -13.69 8.15 -38.57
N ILE B 314 -13.81 9.18 -39.39
CA ILE B 314 -12.57 9.64 -40.05
C ILE B 314 -11.54 10.51 -39.30
N SER B 315 -10.46 10.78 -40.01
CA SER B 315 -9.61 11.75 -39.32
C SER B 315 -9.81 13.27 -39.41
N SER B 316 -9.61 13.86 -38.24
CA SER B 316 -9.56 15.32 -38.12
C SER B 316 -8.33 16.04 -38.61
N GLY B 317 -8.47 17.37 -38.64
CA GLY B 317 -7.29 18.21 -38.97
C GLY B 317 -6.06 18.16 -38.02
N VAL B 318 -6.45 18.11 -36.76
CA VAL B 318 -5.51 18.11 -35.66
C VAL B 318 -4.86 16.76 -35.43
N ASN B 319 -3.74 16.70 -36.16
CA ASN B 319 -2.87 15.58 -35.87
C ASN B 319 -2.00 15.69 -34.57
N ASP B 320 -1.83 16.94 -34.13
CA ASP B 320 -0.86 17.44 -33.13
C ASP B 320 -1.01 17.20 -31.58
N THR B 321 -1.30 15.96 -31.10
CA THR B 321 -2.22 15.81 -29.90
C THR B 321 -2.03 14.68 -28.86
N SER B 322 -2.62 14.86 -27.66
CA SER B 322 -2.52 13.76 -26.68
C SER B 322 -3.61 12.72 -26.78
N LEU B 323 -4.50 12.93 -27.76
CA LEU B 323 -5.61 11.99 -27.79
C LEU B 323 -5.79 11.21 -29.07
N LEU B 324 -5.99 9.92 -28.81
CA LEU B 324 -6.84 9.00 -29.57
C LEU B 324 -8.04 9.64 -30.36
N TYR B 325 -9.04 9.93 -29.55
CA TYR B 325 -10.33 10.46 -29.92
C TYR B 325 -10.77 11.53 -28.88
N ASN B 326 -11.45 12.56 -29.41
CA ASN B 326 -12.29 13.50 -28.65
C ASN B 326 -12.78 13.15 -27.28
N GLU B 327 -12.62 14.10 -26.36
CA GLU B 327 -13.45 14.03 -25.17
C GLU B 327 -14.30 15.25 -24.84
N TYR B 328 -15.36 14.95 -24.14
CA TYR B 328 -16.18 16.03 -23.60
C TYR B 328 -16.26 16.00 -22.11
N ILE B 329 -16.06 17.15 -21.50
CA ILE B 329 -16.13 17.12 -20.05
C ILE B 329 -16.93 18.31 -19.57
N VAL B 330 -17.86 18.04 -18.64
CA VAL B 330 -18.58 19.15 -17.98
C VAL B 330 -18.35 19.38 -16.48
N TYR B 331 -18.18 20.64 -16.11
CA TYR B 331 -17.88 20.99 -14.70
C TYR B 331 -19.05 21.40 -13.77
N ASP B 332 -20.29 21.24 -14.26
CA ASP B 332 -21.50 21.48 -13.45
C ASP B 332 -22.43 20.31 -13.62
N ILE B 333 -23.05 19.93 -12.53
CA ILE B 333 -23.63 18.59 -12.72
C ILE B 333 -25.01 18.56 -13.35
N ALA B 334 -25.61 19.74 -13.23
CA ALA B 334 -26.82 20.07 -14.02
C ALA B 334 -26.69 20.14 -15.53
N GLN B 335 -25.46 20.01 -16.00
CA GLN B 335 -25.31 20.07 -17.45
C GLN B 335 -25.47 18.77 -18.22
N VAL B 336 -25.97 17.77 -17.47
CA VAL B 336 -26.53 16.62 -18.19
C VAL B 336 -27.96 16.23 -17.87
N ASN B 337 -28.56 15.72 -18.96
CA ASN B 337 -29.81 14.96 -18.93
C ASN B 337 -29.58 13.53 -19.36
N LEU B 338 -30.00 12.64 -18.50
CA LEU B 338 -29.72 11.31 -19.03
C LEU B 338 -30.70 10.77 -20.11
N LYS B 339 -30.19 10.29 -21.26
CA LYS B 339 -31.21 9.80 -22.20
C LYS B 339 -31.43 8.29 -22.32
N TYR B 340 -30.40 7.64 -22.85
CA TYR B 340 -30.56 6.21 -23.15
C TYR B 340 -29.59 5.21 -22.50
N LEU B 341 -30.06 4.46 -21.51
CA LEU B 341 -29.20 3.32 -21.25
C LEU B 341 -29.21 2.21 -22.30
N LEU B 342 -28.15 2.04 -23.06
CA LEU B 342 -28.04 0.72 -23.72
C LEU B 342 -27.37 -0.48 -22.96
N LYS B 343 -27.96 -1.68 -23.18
CA LYS B 343 -27.30 -2.98 -22.86
C LYS B 343 -26.48 -3.60 -23.97
N LEU B 344 -25.20 -3.38 -23.85
CA LEU B 344 -24.37 -3.88 -24.94
C LEU B 344 -23.61 -5.17 -24.60
N LYS B 345 -23.16 -5.81 -25.66
CA LYS B 345 -22.54 -7.13 -25.48
C LYS B 345 -21.24 -7.20 -26.20
N PHE B 346 -20.26 -7.49 -25.38
CA PHE B 346 -18.98 -7.30 -26.04
C PHE B 346 -18.41 -8.63 -26.62
N ASN B 347 -18.32 -8.74 -27.95
CA ASN B 347 -17.83 -10.04 -28.43
C ASN B 347 -16.30 -10.19 -28.71
N PHE B 348 -15.56 -10.77 -27.73
CA PHE B 348 -14.10 -10.72 -27.99
C PHE B 348 -13.22 -11.94 -28.42
N LYS B 349 -12.05 -11.58 -29.01
CA LYS B 349 -11.52 -12.30 -30.19
C LYS B 349 -10.20 -13.11 -30.04
N THR B 350 -10.10 -13.73 -28.85
CA THR B 350 -8.94 -14.43 -28.28
C THR B 350 -8.78 -15.94 -28.49
C1 FRQ C . 15.74 -4.68 23.33
C2 FRQ C . 16.33 -4.09 22.22
C3 FRQ C . 16.27 -4.74 20.99
C4 FRQ C . 15.68 -5.97 20.89
C5 FRQ C . 15.13 -6.54 22.00
C6 FRQ C . 15.13 -5.91 23.21
N10 FRQ C . 16.74 -4.19 19.84
C11 FRQ C . 16.74 -4.86 18.70
N12 FRQ C . 16.23 -6.04 18.64
C13 FRQ C . 15.64 -6.65 19.63
O14 FRQ C . 15.10 -7.73 19.42
O15 FRQ C . 17.15 -4.38 17.68
C16 FRQ C . 17.15 -2.82 19.77
C17 FRQ C . 18.61 -2.67 20.10
C20 FRQ C . 19.56 -3.00 18.98
C23 FRQ C . 20.89 -2.33 19.28
N26 FRQ C . 21.90 -2.64 18.29
C29 FRQ C . 21.49 -3.22 16.99
C30 FRQ C . 22.66 -3.32 16.06
C31 FRQ C . 23.92 -2.92 16.31
C32 FRQ C . 24.24 -2.34 17.66
C33 FRQ C . 23.28 -2.88 18.72
C40 FRQ C . 24.94 -3.19 15.30
C42 FRQ C . 24.59 -3.16 13.96
C43 FRQ C . 25.52 -3.51 13.00
C44 FRQ C . 26.81 -3.82 13.36
C45 FRQ C . 27.18 -3.79 14.71
C46 FRQ C . 26.23 -3.49 15.68
F53 FRQ C . 14.62 -7.73 21.88
C1 FRQ D . -12.96 9.69 -21.46
C2 FRQ D . -13.00 9.16 -20.18
C3 FRQ D . -14.13 8.50 -19.70
C4 FRQ D . -15.21 8.36 -20.52
C5 FRQ D . -15.19 8.89 -21.78
C6 FRQ D . -14.09 9.58 -22.25
N10 FRQ D . -14.18 7.96 -18.45
C11 FRQ D . -15.28 7.30 -18.02
N12 FRQ D . -16.32 7.21 -18.81
C13 FRQ D . -16.33 7.58 -20.07
O14 FRQ D . -17.24 7.25 -20.80
O15 FRQ D . -15.30 6.73 -16.96
C16 FRQ D . -13.03 8.02 -17.56
C17 FRQ D . -12.90 9.40 -16.88
C20 FRQ D . -12.85 9.35 -15.37
C23 FRQ D . -13.89 10.24 -14.77
N26 FRQ D . -14.46 9.80 -13.53
C29 FRQ D . -13.88 10.22 -12.29
C30 FRQ D . -14.88 10.21 -11.20
C31 FRQ D . -16.05 9.51 -11.24
C32 FRQ D . -16.38 8.71 -12.47
C33 FRQ D . -15.23 8.58 -13.46
C40 FRQ D . -16.95 9.49 -10.07
C42 FRQ D . -18.17 8.82 -10.16
C43 FRQ D . -19.04 8.78 -9.06
C44 FRQ D . -18.70 9.40 -7.87
C45 FRQ D . -17.48 10.04 -7.79
C46 FRQ D . -16.63 10.09 -8.88
F53 FRQ D . -16.22 8.67 -22.58
#